data_6L8R
#
_entry.id   6L8R
#
_entity_poly.entity_id   1
_entity_poly.type   'polypeptide(L)'
_entity_poly.pdbx_seq_one_letter_code
;GPRLRKGRMMDVKKCGIQDTNSKKQSDTHLEET
;
_entity_poly.pdbx_strand_id   A
#
# COMPACT_ATOMS: atom_id res chain seq x y z
N GLY A 1 10.09 4.67 27.72
CA GLY A 1 10.44 5.87 28.53
C GLY A 1 10.84 7.02 27.59
N PRO A 2 12.05 7.00 27.01
CA PRO A 2 12.48 8.11 26.08
C PRO A 2 11.49 8.27 24.92
N ARG A 3 11.23 9.51 24.52
CA ARG A 3 10.28 9.76 23.40
C ARG A 3 10.71 8.95 22.17
N LEU A 4 9.74 8.55 21.37
CA LEU A 4 10.00 7.75 20.14
C LEU A 4 9.45 8.51 18.94
N ARG A 5 9.72 8.01 17.75
CA ARG A 5 9.21 8.67 16.51
C ARG A 5 8.34 7.65 15.75
N LYS A 6 7.72 8.06 14.66
CA LYS A 6 6.84 7.14 13.88
C LYS A 6 7.57 5.83 13.59
N GLY A 7 6.87 4.87 13.03
CA GLY A 7 7.47 3.55 12.70
C GLY A 7 6.60 2.43 13.28
N ARG A 8 5.34 2.71 13.58
CA ARG A 8 4.42 1.68 14.14
C ARG A 8 4.32 0.51 13.16
N MET A 9 3.99 -0.65 13.65
CA MET A 9 3.85 -1.87 12.78
C MET A 9 2.93 -1.56 11.60
N MET A 10 3.39 -1.87 10.40
CA MET A 10 2.58 -1.62 9.17
C MET A 10 2.35 -2.98 8.48
N ASP A 11 2.20 -3.02 7.16
CA ASP A 11 1.99 -4.33 6.47
C ASP A 11 3.22 -5.21 6.69
N VAL A 12 3.21 -6.01 7.73
CA VAL A 12 4.37 -6.90 8.04
C VAL A 12 3.96 -8.36 7.81
N LYS A 13 2.76 -8.72 8.22
CA LYS A 13 2.26 -10.13 8.03
C LYS A 13 1.65 -10.28 6.63
N LYS A 14 1.44 -9.18 5.92
CA LYS A 14 0.84 -9.25 4.56
C LYS A 14 1.91 -9.60 3.54
N CYS A 15 1.51 -9.82 2.30
CA CYS A 15 2.49 -10.15 1.23
C CYS A 15 3.37 -8.93 0.93
N GLY A 16 2.97 -7.74 1.37
CA GLY A 16 3.78 -6.52 1.11
C GLY A 16 3.63 -6.16 -0.36
N ILE A 17 2.47 -5.67 -0.71
CA ILE A 17 2.18 -5.29 -2.13
C ILE A 17 3.25 -4.30 -2.61
N GLN A 18 3.64 -4.39 -3.85
CA GLN A 18 4.69 -3.47 -4.40
C GLN A 18 4.14 -2.74 -5.61
N ASP A 19 4.31 -1.43 -5.67
CA ASP A 19 3.80 -0.63 -6.83
C ASP A 19 4.97 0.09 -7.48
N THR A 20 5.59 -0.55 -8.46
CA THR A 20 6.74 0.07 -9.17
C THR A 20 6.22 1.04 -10.22
N ASN A 21 5.50 0.54 -11.20
CA ASN A 21 4.93 1.41 -12.28
C ASN A 21 3.42 1.18 -12.40
N SER A 22 2.77 0.79 -11.31
CA SER A 22 1.30 0.53 -11.34
C SER A 22 0.55 1.85 -11.24
N LYS A 23 -0.72 1.84 -11.59
CA LYS A 23 -1.55 3.09 -11.53
C LYS A 23 -2.93 2.75 -10.99
N LYS A 24 -3.58 3.69 -10.34
CA LYS A 24 -4.94 3.43 -9.77
C LYS A 24 -5.93 4.44 -10.36
N GLN A 25 -7.21 4.15 -10.28
CA GLN A 25 -8.25 5.07 -10.83
C GLN A 25 -9.37 5.26 -9.81
N SER A 26 -10.21 6.25 -10.01
CA SER A 26 -11.34 6.51 -9.06
C SER A 26 -12.61 6.78 -9.86
N ASP A 27 -13.73 6.93 -9.18
CA ASP A 27 -15.03 7.20 -9.88
C ASP A 27 -14.91 8.48 -10.71
N THR A 28 -14.61 9.59 -10.07
CA THR A 28 -14.49 10.89 -10.80
C THR A 28 -13.34 10.79 -11.80
N HIS A 29 -13.50 11.37 -12.97
CA HIS A 29 -12.43 11.31 -14.01
C HIS A 29 -11.18 11.96 -13.46
N LEU A 30 -10.22 11.16 -13.03
CA LEU A 30 -8.94 11.71 -12.47
C LEU A 30 -7.78 11.26 -13.33
N GLU A 31 -6.72 12.04 -13.38
CA GLU A 31 -5.53 11.69 -14.20
C GLU A 31 -4.30 11.58 -13.30
N GLU A 32 -3.34 10.77 -13.69
CA GLU A 32 -2.10 10.61 -12.86
C GLU A 32 -1.14 11.75 -13.17
N THR A 33 -1.30 12.87 -12.49
CA THR A 33 -0.42 14.08 -12.69
C THR A 33 -0.09 14.29 -14.18
N GLY A 1 13.55 12.15 22.02
CA GLY A 1 14.69 11.51 22.72
C GLY A 1 14.21 10.26 23.49
N PRO A 2 13.71 10.40 24.72
CA PRO A 2 13.24 9.21 25.48
C PRO A 2 12.02 8.54 24.83
N ARG A 3 11.00 9.32 24.51
CA ARG A 3 9.78 8.75 23.88
C ARG A 3 10.15 8.05 22.56
N LEU A 4 9.16 7.69 21.78
CA LEU A 4 9.41 7.02 20.47
C LEU A 4 9.01 7.96 19.34
N ARG A 5 9.44 7.68 18.13
CA ARG A 5 9.08 8.55 16.96
C ARG A 5 8.26 7.72 15.97
N LYS A 6 7.88 8.29 14.86
CA LYS A 6 7.07 7.55 13.84
C LYS A 6 7.77 6.23 13.47
N GLY A 7 7.15 5.46 12.61
CA GLY A 7 7.73 4.14 12.20
C GLY A 7 7.04 3.01 12.97
N ARG A 8 5.78 3.22 13.32
CA ARG A 8 5.03 2.16 14.08
C ARG A 8 4.85 0.92 13.22
N MET A 9 4.23 -0.10 13.75
CA MET A 9 4.01 -1.36 12.99
C MET A 9 3.15 -1.06 11.76
N MET A 10 3.65 -1.37 10.59
CA MET A 10 2.88 -1.13 9.32
C MET A 10 2.57 -2.51 8.71
N ASP A 11 2.41 -2.61 7.40
CA ASP A 11 2.12 -3.94 6.77
C ASP A 11 3.33 -4.85 6.96
N VAL A 12 3.37 -5.56 8.06
CA VAL A 12 4.52 -6.47 8.34
C VAL A 12 4.08 -7.92 8.13
N LYS A 13 2.91 -8.27 8.61
CA LYS A 13 2.38 -9.67 8.43
C LYS A 13 1.81 -9.85 7.02
N LYS A 14 1.68 -8.78 6.26
CA LYS A 14 1.11 -8.88 4.88
C LYS A 14 2.13 -9.52 3.95
N CYS A 15 1.69 -9.93 2.79
CA CYS A 15 2.61 -10.57 1.79
C CYS A 15 3.31 -9.48 0.99
N GLY A 16 2.86 -8.24 1.12
CA GLY A 16 3.47 -7.12 0.35
C GLY A 16 3.07 -7.24 -1.10
N ILE A 17 2.61 -6.17 -1.68
CA ILE A 17 2.15 -6.17 -3.10
C ILE A 17 2.64 -4.90 -3.78
N GLN A 18 3.35 -5.04 -4.88
CA GLN A 18 3.88 -3.84 -5.61
C GLN A 18 3.43 -3.89 -7.06
N ASP A 19 3.75 -2.89 -7.83
CA ASP A 19 3.36 -2.86 -9.27
C ASP A 19 4.43 -3.56 -10.10
N THR A 20 4.22 -4.83 -10.40
CA THR A 20 5.22 -5.60 -11.21
C THR A 20 5.05 -5.25 -12.68
N ASN A 21 3.87 -5.49 -13.22
CA ASN A 21 3.60 -5.17 -14.66
C ASN A 21 2.38 -4.26 -14.76
N SER A 22 1.24 -4.74 -14.32
CA SER A 22 -0.03 -3.93 -14.39
C SER A 22 -1.18 -4.66 -13.67
N LYS A 23 -1.86 -4.01 -12.76
CA LYS A 23 -3.00 -4.65 -12.03
C LYS A 23 -4.18 -3.67 -11.97
N LYS A 24 -5.34 -4.11 -12.39
CA LYS A 24 -6.55 -3.23 -12.36
C LYS A 24 -7.73 -4.01 -11.79
N GLN A 25 -8.34 -3.48 -10.75
CA GLN A 25 -9.51 -4.17 -10.12
C GLN A 25 -10.60 -3.16 -9.82
N SER A 26 -11.63 -3.12 -10.63
CA SER A 26 -12.75 -2.15 -10.43
C SER A 26 -14.08 -2.89 -10.50
N ASP A 27 -15.14 -2.28 -10.01
CA ASP A 27 -16.49 -2.94 -10.05
C ASP A 27 -17.07 -2.81 -11.44
N THR A 28 -17.32 -1.60 -11.89
CA THR A 28 -17.89 -1.38 -13.25
C THR A 28 -16.93 -1.95 -14.29
N HIS A 29 -17.30 -1.88 -15.56
CA HIS A 29 -16.42 -2.41 -16.64
C HIS A 29 -15.07 -1.70 -16.59
N LEU A 30 -14.04 -2.32 -17.12
CA LEU A 30 -12.68 -1.70 -17.11
C LEU A 30 -12.32 -1.26 -18.53
N GLU A 31 -11.89 -0.03 -18.68
CA GLU A 31 -11.51 0.49 -20.03
C GLU A 31 -10.25 1.33 -19.90
N GLU A 32 -9.24 1.00 -20.68
CA GLU A 32 -7.94 1.76 -20.62
C GLU A 32 -7.55 2.18 -22.04
N THR A 33 -7.18 3.44 -22.21
CA THR A 33 -6.77 3.96 -23.55
C THR A 33 -7.63 3.32 -24.64
N GLY A 1 10.77 12.03 28.83
CA GLY A 1 12.09 11.35 28.73
C GLY A 1 12.30 10.88 27.27
N PRO A 2 13.30 10.02 27.00
CA PRO A 2 13.53 9.54 25.60
C PRO A 2 12.30 8.84 25.01
N ARG A 3 11.43 9.59 24.38
CA ARG A 3 10.20 8.99 23.79
C ARG A 3 10.53 8.30 22.46
N LEU A 4 9.52 7.98 21.67
CA LEU A 4 9.76 7.30 20.36
C LEU A 4 9.21 8.19 19.24
N ARG A 5 9.61 7.91 18.01
CA ARG A 5 9.11 8.72 16.85
C ARG A 5 8.25 7.81 15.96
N LYS A 6 7.74 8.33 14.87
CA LYS A 6 6.89 7.51 13.96
C LYS A 6 7.61 6.22 13.56
N GLY A 7 6.95 5.39 12.80
CA GLY A 7 7.54 4.08 12.37
C GLY A 7 6.72 2.93 12.94
N ARG A 8 5.47 3.17 13.26
CA ARG A 8 4.59 2.10 13.83
C ARG A 8 4.47 0.96 12.84
N MET A 9 4.15 -0.22 13.34
CA MET A 9 4.00 -1.43 12.47
C MET A 9 3.10 -1.14 11.27
N MET A 10 3.50 -1.60 10.11
CA MET A 10 2.70 -1.40 8.86
C MET A 10 2.43 -2.81 8.29
N ASP A 11 2.23 -2.96 6.99
CA ASP A 11 2.00 -4.31 6.40
C ASP A 11 3.25 -5.16 6.64
N VAL A 12 3.30 -5.88 7.74
CA VAL A 12 4.49 -6.74 8.06
C VAL A 12 4.10 -8.20 7.90
N LYS A 13 2.94 -8.58 8.37
CA LYS A 13 2.47 -10.00 8.25
C LYS A 13 1.81 -10.22 6.88
N LYS A 14 1.56 -9.17 6.13
CA LYS A 14 0.90 -9.31 4.79
C LYS A 14 1.94 -9.69 3.74
N CYS A 15 1.49 -9.93 2.54
CA CYS A 15 2.41 -10.31 1.42
C CYS A 15 3.34 -9.13 1.11
N GLY A 16 2.89 -7.92 1.36
CA GLY A 16 3.72 -6.71 1.05
C GLY A 16 3.55 -6.39 -0.42
N ILE A 17 2.36 -5.94 -0.76
CA ILE A 17 2.03 -5.59 -2.19
C ILE A 17 3.09 -4.64 -2.76
N GLN A 18 3.40 -4.77 -4.02
CA GLN A 18 4.41 -3.89 -4.67
C GLN A 18 3.82 -3.32 -5.96
N ASP A 19 4.38 -2.24 -6.46
CA ASP A 19 3.86 -1.62 -7.72
C ASP A 19 4.49 -2.32 -8.92
N THR A 20 4.34 -3.64 -8.99
CA THR A 20 4.91 -4.41 -10.13
C THR A 20 3.97 -4.32 -11.33
N ASN A 21 2.79 -4.91 -11.22
CA ASN A 21 1.80 -4.87 -12.34
C ASN A 21 0.47 -4.34 -11.82
N SER A 22 -0.14 -5.05 -10.90
CA SER A 22 -1.46 -4.63 -10.32
C SER A 22 -2.53 -4.58 -11.42
N LYS A 23 -3.54 -5.42 -11.31
CA LYS A 23 -4.63 -5.45 -12.33
C LYS A 23 -5.97 -5.74 -11.65
N LYS A 24 -6.78 -4.72 -11.47
CA LYS A 24 -8.11 -4.91 -10.81
C LYS A 24 -9.17 -4.14 -11.60
N GLN A 25 -10.38 -4.64 -11.61
CA GLN A 25 -11.49 -3.96 -12.35
C GLN A 25 -12.76 -3.96 -11.51
N SER A 26 -13.31 -2.79 -11.25
CA SER A 26 -14.56 -2.70 -10.43
C SER A 26 -15.53 -1.73 -11.11
N ASP A 27 -16.61 -1.36 -10.45
CA ASP A 27 -17.61 -0.42 -11.05
C ASP A 27 -16.88 0.87 -11.45
N THR A 28 -17.61 1.81 -12.05
CA THR A 28 -17.05 3.13 -12.52
C THR A 28 -15.51 3.10 -12.64
N HIS A 29 -15.00 2.61 -13.74
CA HIS A 29 -13.52 2.50 -13.95
C HIS A 29 -12.89 3.87 -13.78
N LEU A 30 -11.79 3.95 -13.06
CA LEU A 30 -11.08 5.24 -12.84
C LEU A 30 -9.67 5.13 -13.41
N GLU A 31 -8.98 6.24 -13.52
CA GLU A 31 -7.58 6.23 -14.08
C GLU A 31 -6.59 5.94 -12.96
N GLU A 32 -5.44 5.40 -13.29
CA GLU A 32 -4.40 5.08 -12.26
C GLU A 32 -3.87 6.38 -11.67
N THR A 33 -3.41 6.32 -10.43
CA THR A 33 -2.86 7.55 -9.75
C THR A 33 -3.81 8.74 -9.93
N GLY A 1 14.62 12.37 24.92
CA GLY A 1 13.29 11.85 24.46
C GLY A 1 13.30 10.31 24.52
N PRO A 2 13.25 9.69 25.71
CA PRO A 2 13.25 8.19 25.79
C PRO A 2 12.02 7.58 25.10
N ARG A 3 11.03 8.40 24.78
CA ARG A 3 9.79 7.89 24.13
C ARG A 3 10.14 7.35 22.71
N LEU A 4 9.31 7.59 21.71
CA LEU A 4 9.56 7.05 20.33
C LEU A 4 9.01 8.05 19.32
N ARG A 5 9.36 7.89 18.05
CA ARG A 5 8.85 8.82 16.99
C ARG A 5 8.15 8.01 15.92
N LYS A 6 7.68 8.65 14.88
CA LYS A 6 6.94 7.95 13.78
C LYS A 6 7.73 6.70 13.34
N GLY A 7 7.03 5.75 12.75
CA GLY A 7 7.69 4.49 12.30
C GLY A 7 7.02 3.29 12.98
N ARG A 8 5.77 3.44 13.42
CA ARG A 8 5.07 2.32 14.10
C ARG A 8 4.95 1.14 13.14
N MET A 9 4.41 0.04 13.61
CA MET A 9 4.26 -1.17 12.73
C MET A 9 3.32 -0.85 11.58
N MET A 10 3.63 -1.37 10.42
CA MET A 10 2.78 -1.13 9.21
C MET A 10 2.47 -2.50 8.59
N ASP A 11 2.25 -2.59 7.28
CA ASP A 11 1.96 -3.91 6.64
C ASP A 11 3.22 -4.78 6.72
N VAL A 12 3.40 -5.46 7.83
CA VAL A 12 4.60 -6.33 8.02
C VAL A 12 4.21 -7.79 7.82
N LYS A 13 3.10 -8.19 8.40
CA LYS A 13 2.62 -9.61 8.25
C LYS A 13 1.94 -9.81 6.89
N LYS A 14 1.74 -8.74 6.14
CA LYS A 14 1.08 -8.85 4.80
C LYS A 14 2.06 -9.45 3.80
N CYS A 15 1.54 -9.91 2.68
CA CYS A 15 2.42 -10.50 1.62
C CYS A 15 3.33 -9.41 1.06
N GLY A 16 2.91 -8.16 1.13
CA GLY A 16 3.75 -7.05 0.59
C GLY A 16 3.43 -6.89 -0.89
N ILE A 17 2.25 -6.40 -1.17
CA ILE A 17 1.80 -6.20 -2.59
C ILE A 17 2.80 -5.30 -3.29
N GLN A 18 3.07 -5.57 -4.55
CA GLN A 18 4.05 -4.74 -5.33
C GLN A 18 3.31 -3.97 -6.43
N ASP A 19 4.02 -3.15 -7.16
CA ASP A 19 3.37 -2.35 -8.26
C ASP A 19 4.02 -2.74 -9.60
N THR A 20 4.11 -4.03 -9.86
CA THR A 20 4.71 -4.50 -11.14
C THR A 20 3.68 -4.41 -12.26
N ASN A 21 2.60 -5.17 -12.17
CA ASN A 21 1.55 -5.14 -13.23
C ASN A 21 0.18 -4.89 -12.57
N SER A 22 0.11 -3.92 -11.70
CA SER A 22 -1.18 -3.61 -11.00
C SER A 22 -2.25 -3.26 -12.03
N LYS A 23 -3.33 -4.02 -12.05
CA LYS A 23 -4.44 -3.75 -13.02
C LYS A 23 -5.76 -3.71 -12.26
N LYS A 24 -6.63 -2.79 -12.61
CA LYS A 24 -7.96 -2.68 -11.91
C LYS A 24 -9.05 -2.43 -12.95
N GLN A 25 -10.28 -2.75 -12.62
CA GLN A 25 -11.41 -2.52 -13.57
C GLN A 25 -12.61 -1.93 -12.82
N SER A 26 -13.44 -1.19 -13.52
CA SER A 26 -14.63 -0.56 -12.87
C SER A 26 -15.86 -0.78 -13.76
N ASP A 27 -17.03 -0.35 -13.30
CA ASP A 27 -18.27 -0.52 -14.11
C ASP A 27 -18.27 0.49 -15.26
N THR A 28 -17.95 1.74 -14.97
CA THR A 28 -17.92 2.78 -16.04
C THR A 28 -16.86 2.40 -17.08
N HIS A 29 -16.75 3.18 -18.14
CA HIS A 29 -15.75 2.89 -19.20
C HIS A 29 -14.35 2.91 -18.59
N LEU A 30 -13.42 2.19 -19.17
CA LEU A 30 -12.03 2.14 -18.64
C LEU A 30 -11.27 3.37 -19.14
N GLU A 31 -10.55 4.04 -18.26
CA GLU A 31 -9.78 5.25 -18.66
C GLU A 31 -8.31 5.01 -18.34
N GLU A 32 -7.42 5.38 -19.25
CA GLU A 32 -5.96 5.18 -19.02
C GLU A 32 -5.40 6.41 -18.31
N THR A 33 -4.36 6.22 -17.52
CA THR A 33 -3.73 7.36 -16.77
C THR A 33 -2.30 7.57 -17.26
N GLY A 1 14.51 11.09 21.01
CA GLY A 1 15.50 10.30 21.80
C GLY A 1 14.76 9.41 22.82
N PRO A 2 14.28 9.95 23.94
CA PRO A 2 13.56 9.12 24.96
C PRO A 2 12.31 8.46 24.37
N ARG A 3 11.32 9.24 23.99
CA ARG A 3 10.06 8.67 23.41
C ARG A 3 10.37 7.96 22.08
N LEU A 4 9.35 7.62 21.32
CA LEU A 4 9.57 6.95 20.01
C LEU A 4 9.06 7.87 18.90
N ARG A 5 9.43 7.59 17.66
CA ARG A 5 8.97 8.44 16.51
C ARG A 5 8.08 7.59 15.61
N LYS A 6 7.64 8.12 14.48
CA LYS A 6 6.75 7.36 13.55
C LYS A 6 7.42 6.03 13.17
N GLY A 7 6.82 5.29 12.25
CA GLY A 7 7.39 3.98 11.83
C GLY A 7 6.72 2.85 12.62
N ARG A 8 5.49 3.05 13.03
CA ARG A 8 4.76 2.01 13.82
C ARG A 8 4.59 0.76 12.95
N MET A 9 4.17 -0.33 13.55
CA MET A 9 3.97 -1.62 12.80
C MET A 9 3.03 -1.39 11.62
N MET A 10 3.55 -1.50 10.42
CA MET A 10 2.70 -1.32 9.20
C MET A 10 2.50 -2.71 8.58
N ASP A 11 2.33 -2.82 7.27
CA ASP A 11 2.14 -4.17 6.63
C ASP A 11 3.38 -5.03 6.92
N VAL A 12 3.34 -5.80 7.98
CA VAL A 12 4.51 -6.67 8.34
C VAL A 12 4.12 -8.14 8.13
N LYS A 13 2.92 -8.51 8.54
CA LYS A 13 2.45 -9.93 8.35
C LYS A 13 1.79 -10.08 6.97
N LYS A 14 1.56 -9.00 6.26
CA LYS A 14 0.91 -9.07 4.91
C LYS A 14 1.95 -9.47 3.87
N CYS A 15 1.52 -9.76 2.67
CA CYS A 15 2.47 -10.16 1.58
C CYS A 15 3.39 -8.99 1.24
N GLY A 16 2.94 -7.77 1.46
CA GLY A 16 3.78 -6.58 1.13
C GLY A 16 3.61 -6.25 -0.34
N ILE A 17 2.47 -5.71 -0.68
CA ILE A 17 2.16 -5.34 -2.09
C ILE A 17 3.21 -4.36 -2.59
N GLN A 18 3.61 -4.45 -3.84
CA GLN A 18 4.63 -3.51 -4.39
C GLN A 18 4.10 -2.87 -5.66
N ASP A 19 4.80 -1.89 -6.19
CA ASP A 19 4.36 -1.20 -7.43
C ASP A 19 5.13 -1.77 -8.64
N THR A 20 5.21 -3.07 -8.72
CA THR A 20 5.93 -3.73 -9.86
C THR A 20 5.06 -3.66 -11.10
N ASN A 21 3.82 -4.10 -10.99
CA ASN A 21 2.86 -4.07 -12.15
C ASN A 21 1.59 -3.29 -11.77
N SER A 22 1.35 -3.09 -10.49
CA SER A 22 0.13 -2.34 -10.03
C SER A 22 -1.13 -3.10 -10.44
N LYS A 23 -1.89 -3.56 -9.48
CA LYS A 23 -3.15 -4.31 -9.78
C LYS A 23 -4.17 -4.02 -8.68
N LYS A 24 -5.15 -3.18 -8.98
CA LYS A 24 -6.20 -2.84 -7.97
C LYS A 24 -7.57 -2.93 -8.62
N GLN A 25 -8.59 -3.21 -7.83
CA GLN A 25 -9.98 -3.31 -8.39
C GLN A 25 -10.59 -1.91 -8.44
N SER A 26 -11.50 -1.69 -9.37
CA SER A 26 -12.14 -0.36 -9.51
C SER A 26 -13.64 -0.52 -9.70
N ASP A 27 -14.42 0.45 -9.26
CA ASP A 27 -15.90 0.36 -9.44
C ASP A 27 -16.22 0.26 -10.93
N THR A 28 -17.49 0.24 -11.29
CA THR A 28 -17.98 0.14 -12.74
C THR A 28 -16.87 -0.42 -13.69
N HIS A 29 -16.82 0.00 -14.95
CA HIS A 29 -15.78 -0.55 -15.88
C HIS A 29 -14.42 -0.12 -15.37
N LEU A 30 -13.41 -0.93 -15.56
CA LEU A 30 -12.04 -0.59 -15.07
C LEU A 30 -11.27 0.12 -16.19
N GLU A 31 -11.08 1.41 -16.06
CA GLU A 31 -10.33 2.19 -17.10
C GLU A 31 -8.84 1.90 -16.94
N GLU A 32 -8.25 1.26 -17.92
CA GLU A 32 -6.79 0.94 -17.86
C GLU A 32 -5.97 2.23 -18.02
N THR A 33 -4.84 2.30 -17.36
CA THR A 33 -3.98 3.53 -17.46
C THR A 33 -3.63 3.80 -18.92
N GLY A 1 10.39 12.62 28.55
CA GLY A 1 11.82 12.24 28.38
C GLY A 1 12.12 12.03 26.88
N PRO A 2 13.14 11.23 26.51
CA PRO A 2 13.45 11.01 25.06
C PRO A 2 12.27 10.44 24.28
N ARG A 3 11.26 9.94 24.98
CA ARG A 3 10.04 9.37 24.32
C ARG A 3 10.41 8.53 23.07
N LEU A 4 9.47 8.33 22.16
CA LEU A 4 9.74 7.55 20.92
C LEU A 4 9.26 8.35 19.72
N ARG A 5 9.70 7.99 18.53
CA ARG A 5 9.26 8.73 17.30
C ARG A 5 8.44 7.78 16.43
N LYS A 6 7.90 8.27 15.33
CA LYS A 6 7.07 7.43 14.42
C LYS A 6 7.78 6.11 14.10
N GLY A 7 7.09 5.21 13.46
CA GLY A 7 7.67 3.88 13.09
C GLY A 7 6.75 2.75 13.55
N ARG A 8 5.49 3.06 13.81
CA ARG A 8 4.52 2.02 14.25
C ARG A 8 4.44 0.90 13.21
N MET A 9 4.07 -0.29 13.63
CA MET A 9 3.97 -1.45 12.70
C MET A 9 3.13 -1.07 11.47
N MET A 10 3.67 -1.29 10.30
CA MET A 10 2.93 -0.97 9.03
C MET A 10 2.65 -2.32 8.33
N ASP A 11 2.56 -2.36 7.02
CA ASP A 11 2.30 -3.66 6.31
C ASP A 11 3.52 -4.56 6.50
N VAL A 12 3.57 -5.28 7.60
CA VAL A 12 4.73 -6.18 7.87
C VAL A 12 4.29 -7.63 7.65
N LYS A 13 3.12 -7.98 8.14
CA LYS A 13 2.59 -9.37 7.95
C LYS A 13 1.94 -9.50 6.56
N LYS A 14 1.83 -8.41 5.82
CA LYS A 14 1.22 -8.44 4.46
C LYS A 14 2.21 -9.08 3.49
N CYS A 15 1.71 -9.77 2.48
CA CYS A 15 2.61 -10.42 1.47
C CYS A 15 3.39 -9.36 0.69
N GLY A 16 3.02 -8.09 0.80
CA GLY A 16 3.73 -7.00 0.06
C GLY A 16 3.25 -6.99 -1.39
N ILE A 17 1.95 -7.04 -1.56
CA ILE A 17 1.32 -7.04 -2.94
C ILE A 17 1.99 -5.96 -3.80
N GLN A 18 2.84 -6.38 -4.71
CA GLN A 18 3.53 -5.41 -5.63
C GLN A 18 3.45 -5.91 -7.06
N ASP A 19 2.31 -5.74 -7.68
CA ASP A 19 2.11 -6.20 -9.08
C ASP A 19 1.09 -5.31 -9.78
N THR A 20 1.54 -4.23 -10.39
CA THR A 20 0.60 -3.30 -11.09
C THR A 20 0.01 -4.00 -12.32
N ASN A 21 0.78 -4.86 -12.95
CA ASN A 21 0.30 -5.59 -14.17
C ASN A 21 -0.93 -6.43 -13.83
N SER A 22 -1.06 -6.86 -12.58
CA SER A 22 -2.24 -7.68 -12.16
C SER A 22 -3.53 -6.99 -12.57
N LYS A 23 -4.59 -7.76 -12.77
CA LYS A 23 -5.90 -7.17 -13.18
C LYS A 23 -6.99 -7.59 -12.21
N LYS A 24 -8.02 -6.79 -12.07
CA LYS A 24 -9.15 -7.13 -11.15
C LYS A 24 -10.47 -6.89 -11.85
N GLN A 25 -11.48 -7.68 -11.54
CA GLN A 25 -12.82 -7.51 -12.19
C GLN A 25 -13.89 -7.33 -11.12
N SER A 26 -14.89 -6.51 -11.39
CA SER A 26 -15.97 -6.26 -10.40
C SER A 26 -17.33 -6.31 -11.11
N ASP A 27 -18.40 -6.19 -10.36
CA ASP A 27 -19.77 -6.24 -10.97
C ASP A 27 -19.90 -5.13 -12.02
N THR A 28 -19.68 -3.90 -11.61
CA THR A 28 -19.78 -2.75 -12.57
C THR A 28 -18.66 -2.87 -13.61
N HIS A 29 -18.58 -1.91 -14.51
CA HIS A 29 -17.52 -1.94 -15.58
C HIS A 29 -16.15 -2.13 -14.92
N LEU A 30 -15.22 -2.73 -15.64
CA LEU A 30 -13.86 -2.97 -15.09
C LEU A 30 -13.02 -1.70 -15.24
N GLU A 31 -11.92 -1.62 -14.52
CA GLU A 31 -11.04 -0.42 -14.59
C GLU A 31 -9.64 -0.86 -15.00
N GLU A 32 -9.06 -0.21 -15.99
CA GLU A 32 -7.69 -0.56 -16.45
C GLU A 32 -6.65 0.07 -15.53
N THR A 33 -5.42 -0.39 -15.59
CA THR A 33 -4.35 0.17 -14.72
C THR A 33 -4.75 0.06 -13.25
N GLY A 1 13.56 12.69 22.21
CA GLY A 1 14.80 11.97 22.63
C GLY A 1 14.42 10.72 23.45
N PRO A 2 14.13 10.85 24.76
CA PRO A 2 13.77 9.66 25.59
C PRO A 2 12.52 8.95 25.04
N ARG A 3 11.52 9.69 24.67
CA ARG A 3 10.26 9.08 24.13
C ARG A 3 10.57 8.39 22.80
N LEU A 4 9.55 8.07 22.02
CA LEU A 4 9.76 7.39 20.70
C LEU A 4 9.22 8.28 19.59
N ARG A 5 9.61 8.03 18.36
CA ARG A 5 9.11 8.85 17.21
C ARG A 5 8.25 7.94 16.32
N LYS A 6 7.77 8.46 15.20
CA LYS A 6 6.92 7.66 14.29
C LYS A 6 7.64 6.35 13.90
N GLY A 7 7.02 5.56 13.07
CA GLY A 7 7.62 4.26 12.64
C GLY A 7 6.80 3.09 13.21
N ARG A 8 5.54 3.33 13.51
CA ARG A 8 4.67 2.25 14.07
C ARG A 8 4.55 1.11 13.07
N MET A 9 4.25 -0.07 13.53
CA MET A 9 4.11 -1.28 12.63
C MET A 9 3.23 -0.95 11.43
N MET A 10 3.58 -1.49 10.28
CA MET A 10 2.78 -1.26 9.03
C MET A 10 2.44 -2.65 8.45
N ASP A 11 2.20 -2.76 7.15
CA ASP A 11 1.89 -4.08 6.54
C ASP A 11 3.14 -4.96 6.62
N VAL A 12 3.31 -5.66 7.73
CA VAL A 12 4.51 -6.53 7.90
C VAL A 12 4.12 -7.99 7.69
N LYS A 13 3.00 -8.40 8.25
CA LYS A 13 2.54 -9.82 8.10
C LYS A 13 1.87 -10.01 6.72
N LYS A 14 1.67 -8.94 5.97
CA LYS A 14 1.02 -9.04 4.63
C LYS A 14 2.00 -9.60 3.62
N CYS A 15 1.51 -10.01 2.48
CA CYS A 15 2.39 -10.57 1.41
C CYS A 15 3.33 -9.47 0.90
N GLY A 16 2.88 -8.22 0.94
CA GLY A 16 3.73 -7.10 0.45
C GLY A 16 3.44 -6.88 -1.03
N ILE A 17 2.25 -6.41 -1.32
CA ILE A 17 1.82 -6.16 -2.74
C ILE A 17 2.82 -5.23 -3.41
N GLN A 18 3.13 -5.48 -4.66
CA GLN A 18 4.11 -4.62 -5.40
C GLN A 18 3.48 -4.14 -6.70
N ASP A 19 3.85 -2.95 -7.15
CA ASP A 19 3.28 -2.40 -8.41
C ASP A 19 4.19 -2.78 -9.58
N THR A 20 4.00 -3.96 -10.14
CA THR A 20 4.85 -4.42 -11.27
C THR A 20 4.29 -3.83 -12.57
N ASN A 21 3.04 -4.10 -12.86
CA ASN A 21 2.41 -3.56 -14.11
C ASN A 21 1.12 -2.83 -13.75
N SER A 22 0.18 -3.55 -13.16
CA SER A 22 -1.12 -2.93 -12.75
C SER A 22 -1.78 -2.27 -13.97
N LYS A 23 -2.63 -3.00 -14.65
CA LYS A 23 -3.32 -2.44 -15.85
C LYS A 23 -4.76 -2.94 -15.87
N LYS A 24 -5.66 -2.20 -15.26
CA LYS A 24 -7.10 -2.61 -15.22
C LYS A 24 -7.97 -1.37 -15.39
N GLN A 25 -8.89 -1.39 -16.32
CA GLN A 25 -9.78 -0.21 -16.55
C GLN A 25 -11.22 -0.69 -16.69
N SER A 26 -12.11 -0.17 -15.88
CA SER A 26 -13.56 -0.57 -15.95
C SER A 26 -14.41 0.69 -15.97
N ASP A 27 -15.48 0.69 -16.75
CA ASP A 27 -16.36 1.90 -16.85
C ASP A 27 -15.53 3.10 -17.28
N THR A 28 -16.17 4.24 -17.50
CA THR A 28 -15.48 5.52 -17.95
C THR A 28 -14.07 5.26 -18.53
N HIS A 29 -14.00 4.81 -19.77
CA HIS A 29 -12.70 4.50 -20.41
C HIS A 29 -11.78 5.72 -20.34
N LEU A 30 -10.61 5.55 -19.79
CA LEU A 30 -9.63 6.69 -19.68
C LEU A 30 -8.65 6.59 -20.86
N GLU A 31 -7.76 7.56 -20.97
CA GLU A 31 -6.76 7.54 -22.08
C GLU A 31 -5.38 7.24 -21.51
N GLU A 32 -4.72 6.21 -22.01
CA GLU A 32 -3.36 5.83 -21.52
C GLU A 32 -2.41 7.00 -21.74
N THR A 33 -1.66 7.36 -20.72
CA THR A 33 -0.70 8.51 -20.85
C THR A 33 0.72 7.98 -20.70
N GLY A 1 15.65 11.07 22.79
CA GLY A 1 14.34 10.63 22.23
C GLY A 1 13.88 9.34 22.93
N PRO A 2 13.61 9.35 24.24
CA PRO A 2 13.17 8.11 24.94
C PRO A 2 11.96 7.46 24.26
N ARG A 3 10.89 8.21 24.12
CA ARG A 3 9.65 7.67 23.48
C ARG A 3 9.97 7.15 22.07
N LEU A 4 8.97 6.82 21.29
CA LEU A 4 9.19 6.33 19.90
C LEU A 4 8.68 7.38 18.91
N ARG A 5 9.18 7.37 17.69
CA ARG A 5 8.72 8.35 16.67
C ARG A 5 7.92 7.61 15.60
N LYS A 6 7.62 8.25 14.48
CA LYS A 6 6.83 7.59 13.40
C LYS A 6 7.50 6.29 12.98
N GLY A 7 6.95 5.62 11.99
CA GLY A 7 7.53 4.32 11.54
C GLY A 7 6.98 3.19 12.41
N ARG A 8 5.76 3.33 12.88
CA ARG A 8 5.14 2.28 13.76
C ARG A 8 4.93 1.00 12.94
N MET A 9 4.37 -0.02 13.55
CA MET A 9 4.13 -1.30 12.83
C MET A 9 3.20 -1.09 11.65
N MET A 10 3.73 -1.15 10.45
CA MET A 10 2.89 -0.97 9.22
C MET A 10 2.70 -2.36 8.59
N ASP A 11 2.56 -2.48 7.28
CA ASP A 11 2.40 -3.83 6.65
C ASP A 11 3.61 -4.69 7.00
N VAL A 12 3.52 -5.48 8.04
CA VAL A 12 4.67 -6.36 8.45
C VAL A 12 4.26 -7.82 8.27
N LYS A 13 3.06 -8.16 8.68
CA LYS A 13 2.57 -9.58 8.52
C LYS A 13 1.90 -9.75 7.15
N LYS A 14 1.71 -8.68 6.41
CA LYS A 14 1.06 -8.77 5.07
C LYS A 14 2.09 -9.26 4.04
N CYS A 15 1.62 -9.68 2.89
CA CYS A 15 2.54 -10.16 1.81
C CYS A 15 3.43 -9.01 1.32
N GLY A 16 2.99 -7.78 1.51
CA GLY A 16 3.81 -6.59 1.06
C GLY A 16 3.53 -6.36 -0.42
N ILE A 17 2.28 -6.11 -0.75
CA ILE A 17 1.86 -5.87 -2.16
C ILE A 17 2.76 -4.78 -2.77
N GLN A 18 3.35 -5.07 -3.91
CA GLN A 18 4.26 -4.08 -4.57
C GLN A 18 3.90 -3.99 -6.06
N ASP A 19 2.71 -3.54 -6.34
CA ASP A 19 2.24 -3.41 -7.76
C ASP A 19 2.37 -1.95 -8.20
N THR A 20 3.27 -1.67 -9.11
CA THR A 20 3.45 -0.26 -9.60
C THR A 20 2.28 0.13 -10.50
N ASN A 21 1.97 -0.70 -11.48
CA ASN A 21 0.84 -0.39 -12.40
C ASN A 21 -0.20 -1.51 -12.31
N SER A 22 0.15 -2.72 -12.72
CA SER A 22 -0.80 -3.86 -12.67
C SER A 22 -2.08 -3.51 -13.43
N LYS A 23 -2.99 -4.45 -13.53
CA LYS A 23 -4.28 -4.20 -14.25
C LYS A 23 -5.42 -4.84 -13.46
N LYS A 24 -5.98 -4.11 -12.52
CA LYS A 24 -7.10 -4.65 -11.68
C LYS A 24 -8.13 -3.56 -11.49
N GLN A 25 -9.38 -3.84 -11.81
CA GLN A 25 -10.46 -2.82 -11.64
C GLN A 25 -11.69 -3.48 -11.05
N SER A 26 -12.54 -2.72 -10.39
CA SER A 26 -13.77 -3.27 -9.78
C SER A 26 -14.96 -2.39 -10.18
N ASP A 27 -16.13 -2.64 -9.60
CA ASP A 27 -17.33 -1.82 -9.94
C ASP A 27 -17.61 -1.96 -11.44
N THR A 28 -18.56 -1.21 -11.97
CA THR A 28 -18.90 -1.30 -13.43
C THR A 28 -17.62 -1.18 -14.27
N HIS A 29 -17.72 -1.44 -15.55
CA HIS A 29 -16.52 -1.35 -16.45
C HIS A 29 -15.90 0.04 -16.33
N LEU A 30 -14.73 0.12 -15.73
CA LEU A 30 -14.05 1.44 -15.56
C LEU A 30 -12.60 1.31 -16.02
N GLU A 31 -12.17 2.17 -16.92
CA GLU A 31 -10.76 2.10 -17.43
C GLU A 31 -9.89 3.08 -16.63
N GLU A 32 -8.72 2.65 -16.21
CA GLU A 32 -7.81 3.53 -15.43
C GLU A 32 -6.45 3.60 -16.11
N THR A 33 -5.91 4.79 -16.26
CA THR A 33 -4.56 4.99 -16.91
C THR A 33 -4.40 4.08 -18.14
N GLY A 1 15.20 11.72 21.16
CA GLY A 1 14.59 12.02 22.48
C GLY A 1 14.23 10.70 23.18
N PRO A 2 14.07 10.67 24.52
CA PRO A 2 13.73 9.40 25.23
C PRO A 2 12.47 8.72 24.65
N ARG A 3 11.42 9.48 24.41
CA ARG A 3 10.17 8.90 23.86
C ARG A 3 10.45 8.22 22.51
N LEU A 4 9.42 7.86 21.78
CA LEU A 4 9.60 7.20 20.44
C LEU A 4 9.04 8.10 19.37
N ARG A 5 9.42 7.85 18.13
CA ARG A 5 8.90 8.67 16.99
C ARG A 5 8.10 7.78 16.05
N LYS A 6 7.66 8.30 14.93
CA LYS A 6 6.86 7.51 13.95
C LYS A 6 7.62 6.24 13.57
N GLY A 7 6.97 5.37 12.82
CA GLY A 7 7.61 4.08 12.40
C GLY A 7 6.89 2.91 13.04
N ARG A 8 5.63 3.08 13.37
CA ARG A 8 4.84 1.98 14.02
C ARG A 8 4.71 0.81 13.06
N MET A 9 4.19 -0.30 13.54
CA MET A 9 4.02 -1.52 12.69
C MET A 9 3.10 -1.20 11.51
N MET A 10 3.58 -1.44 10.31
CA MET A 10 2.76 -1.20 9.08
C MET A 10 2.55 -2.56 8.39
N ASP A 11 2.41 -2.60 7.08
CA ASP A 11 2.24 -3.92 6.37
C ASP A 11 3.48 -4.78 6.64
N VAL A 12 3.43 -5.62 7.66
CA VAL A 12 4.60 -6.49 8.00
C VAL A 12 4.17 -7.96 7.88
N LYS A 13 2.99 -8.28 8.37
CA LYS A 13 2.48 -9.68 8.29
C LYS A 13 1.81 -9.92 6.93
N LYS A 14 1.61 -8.89 6.13
CA LYS A 14 0.95 -9.04 4.80
C LYS A 14 1.99 -9.48 3.77
N CYS A 15 1.53 -9.87 2.61
CA CYS A 15 2.46 -10.31 1.52
C CYS A 15 3.33 -9.13 1.07
N GLY A 16 2.85 -7.92 1.26
CA GLY A 16 3.63 -6.72 0.82
C GLY A 16 3.45 -6.53 -0.67
N ILE A 17 2.24 -6.23 -1.08
CA ILE A 17 1.90 -6.02 -2.52
C ILE A 17 2.92 -5.08 -3.16
N GLN A 18 3.24 -5.30 -4.42
CA GLN A 18 4.23 -4.43 -5.12
C GLN A 18 3.62 -3.98 -6.46
N ASP A 19 4.16 -2.93 -7.03
CA ASP A 19 3.62 -2.41 -8.33
C ASP A 19 4.25 -3.20 -9.49
N THR A 20 4.23 -4.52 -9.38
CA THR A 20 4.81 -5.37 -10.46
C THR A 20 3.79 -5.54 -11.60
N ASN A 21 2.69 -6.24 -11.33
CA ASN A 21 1.65 -6.44 -12.37
C ASN A 21 0.29 -6.02 -11.82
N SER A 22 -0.04 -6.48 -10.64
CA SER A 22 -1.35 -6.12 -9.99
C SER A 22 -2.49 -6.54 -10.90
N LYS A 23 -3.12 -7.66 -10.60
CA LYS A 23 -4.27 -8.15 -11.43
C LYS A 23 -5.40 -8.57 -10.49
N LYS A 24 -6.48 -7.81 -10.48
CA LYS A 24 -7.64 -8.12 -9.60
C LYS A 24 -8.94 -7.89 -10.35
N GLN A 25 -10.03 -8.48 -9.89
CA GLN A 25 -11.34 -8.30 -10.57
C GLN A 25 -12.25 -7.44 -9.68
N SER A 26 -13.27 -6.84 -10.26
CA SER A 26 -14.20 -5.97 -9.49
C SER A 26 -15.64 -6.33 -9.85
N ASP A 27 -16.60 -5.61 -9.32
CA ASP A 27 -18.04 -5.89 -9.61
C ASP A 27 -18.32 -5.61 -11.11
N THR A 28 -19.16 -4.64 -11.47
CA THR A 28 -19.43 -4.36 -12.91
C THR A 28 -18.13 -4.01 -13.60
N HIS A 29 -17.72 -4.80 -14.57
CA HIS A 29 -16.45 -4.53 -15.31
C HIS A 29 -16.55 -3.18 -16.02
N LEU A 30 -15.70 -2.24 -15.67
CA LEU A 30 -15.73 -0.89 -16.30
C LEU A 30 -14.31 -0.49 -16.69
N GLU A 31 -14.18 0.48 -17.57
CA GLU A 31 -12.83 0.94 -18.02
C GLU A 31 -12.03 1.39 -16.81
N GLU A 32 -10.77 1.00 -16.74
CA GLU A 32 -9.90 1.40 -15.59
C GLU A 32 -8.56 1.91 -16.12
N THR A 33 -8.07 3.00 -15.56
CA THR A 33 -6.75 3.60 -15.99
C THR A 33 -6.61 3.57 -17.51
N GLY A 1 15.28 12.84 24.16
CA GLY A 1 13.86 12.46 23.98
C GLY A 1 13.66 10.99 24.38
N PRO A 2 13.48 10.67 25.68
CA PRO A 2 13.29 9.24 26.09
C PRO A 2 12.07 8.61 25.43
N ARG A 3 11.08 9.40 25.08
CA ARG A 3 9.85 8.86 24.43
C ARG A 3 10.22 8.17 23.11
N LEU A 4 9.24 7.89 22.28
CA LEU A 4 9.51 7.21 20.97
C LEU A 4 9.10 8.14 19.84
N ARG A 5 9.53 7.83 18.63
CA ARG A 5 9.16 8.68 17.45
C ARG A 5 8.33 7.84 16.48
N LYS A 6 7.95 8.40 15.35
CA LYS A 6 7.13 7.65 14.35
C LYS A 6 7.81 6.32 13.99
N GLY A 7 7.21 5.56 13.11
CA GLY A 7 7.78 4.24 12.70
C GLY A 7 6.95 3.11 13.30
N ARG A 8 5.69 3.36 13.58
CA ARG A 8 4.80 2.31 14.18
C ARG A 8 4.69 1.12 13.23
N MET A 9 4.19 0.01 13.71
CA MET A 9 4.04 -1.21 12.86
C MET A 9 3.19 -0.88 11.64
N MET A 10 3.73 -1.12 10.46
CA MET A 10 2.98 -0.85 9.19
C MET A 10 2.75 -2.21 8.50
N ASP A 11 2.68 -2.27 7.18
CA ASP A 11 2.48 -3.59 6.49
C ASP A 11 3.69 -4.46 6.82
N VAL A 12 3.55 -5.34 7.79
CA VAL A 12 4.70 -6.23 8.18
C VAL A 12 4.28 -7.70 8.09
N LYS A 13 3.08 -8.03 8.55
CA LYS A 13 2.60 -9.45 8.49
C LYS A 13 2.01 -9.77 7.11
N LYS A 14 1.72 -8.76 6.33
CA LYS A 14 1.11 -8.94 4.96
C LYS A 14 2.04 -9.75 4.05
N CYS A 15 1.72 -9.82 2.78
CA CYS A 15 2.56 -10.55 1.78
C CYS A 15 3.26 -9.54 0.87
N GLY A 16 2.67 -8.37 0.71
CA GLY A 16 3.25 -7.31 -0.17
C GLY A 16 2.80 -7.59 -1.59
N ILE A 17 2.32 -6.59 -2.28
CA ILE A 17 1.81 -6.80 -3.67
C ILE A 17 2.32 -5.68 -4.57
N GLN A 18 2.92 -6.03 -5.69
CA GLN A 18 3.45 -4.99 -6.62
C GLN A 18 2.66 -5.03 -7.93
N ASP A 19 2.81 -4.02 -8.74
CA ASP A 19 2.07 -3.97 -10.04
C ASP A 19 2.90 -4.71 -11.12
N THR A 20 3.37 -5.89 -10.79
CA THR A 20 4.18 -6.69 -11.76
C THR A 20 3.27 -7.20 -12.88
N ASN A 21 2.16 -7.81 -12.52
CA ASN A 21 1.21 -8.35 -13.54
C ASN A 21 -0.18 -7.81 -13.24
N SER A 22 -0.74 -8.17 -12.09
CA SER A 22 -2.11 -7.69 -11.70
C SER A 22 -3.15 -8.25 -12.67
N LYS A 23 -4.16 -8.91 -12.15
CA LYS A 23 -5.23 -9.49 -13.02
C LYS A 23 -6.56 -9.46 -12.26
N LYS A 24 -7.42 -8.53 -12.60
CA LYS A 24 -8.76 -8.43 -11.91
C LYS A 24 -9.83 -8.13 -12.94
N GLN A 25 -11.06 -8.53 -12.67
CA GLN A 25 -12.18 -8.28 -13.63
C GLN A 25 -13.41 -7.81 -12.87
N SER A 26 -14.26 -7.01 -13.50
CA SER A 26 -15.49 -6.50 -12.85
C SER A 26 -16.67 -6.64 -13.80
N ASP A 27 -17.85 -6.27 -13.36
CA ASP A 27 -19.07 -6.36 -14.23
C ASP A 27 -18.85 -5.52 -15.49
N THR A 28 -18.70 -4.22 -15.33
CA THR A 28 -18.48 -3.32 -16.51
C THR A 28 -17.22 -3.77 -17.25
N HIS A 29 -17.05 -3.34 -18.48
CA HIS A 29 -15.84 -3.71 -19.28
C HIS A 29 -14.59 -3.19 -18.59
N LEU A 30 -13.60 -4.03 -18.41
CA LEU A 30 -12.34 -3.60 -17.73
C LEU A 30 -11.14 -4.00 -18.61
N GLU A 31 -10.17 -3.13 -18.72
CA GLU A 31 -8.96 -3.43 -19.54
C GLU A 31 -7.72 -3.46 -18.64
N GLU A 32 -6.79 -4.35 -18.92
CA GLU A 32 -5.55 -4.45 -18.09
C GLU A 32 -4.32 -4.41 -18.98
N THR A 33 -3.16 -4.17 -18.42
CA THR A 33 -1.90 -4.12 -19.23
C THR A 33 -1.46 -5.54 -19.57
N GLY A 1 15.15 12.75 23.41
CA GLY A 1 13.89 12.17 22.87
C GLY A 1 13.79 10.69 23.27
N PRO A 2 13.64 10.36 24.57
CA PRO A 2 13.54 8.92 24.98
C PRO A 2 12.32 8.23 24.39
N ARG A 3 11.25 8.96 24.18
CA ARG A 3 10.00 8.38 23.61
C ARG A 3 10.30 7.75 22.24
N LEU A 4 9.27 7.41 21.48
CA LEU A 4 9.49 6.80 20.13
C LEU A 4 8.97 7.77 19.07
N ARG A 5 9.36 7.58 17.83
CA ARG A 5 8.89 8.47 16.72
C ARG A 5 8.05 7.64 15.75
N LYS A 6 7.61 8.23 14.65
CA LYS A 6 6.77 7.50 13.66
C LYS A 6 7.48 6.22 13.20
N GLY A 7 6.89 5.49 12.30
CA GLY A 7 7.49 4.22 11.80
C GLY A 7 6.89 3.04 12.56
N ARG A 8 5.65 3.14 13.00
CA ARG A 8 5.00 2.04 13.76
C ARG A 8 4.80 0.84 12.83
N MET A 9 4.26 -0.24 13.35
CA MET A 9 4.03 -1.46 12.51
C MET A 9 3.11 -1.12 11.35
N MET A 10 3.51 -1.46 10.15
CA MET A 10 2.69 -1.19 8.94
C MET A 10 2.51 -2.52 8.18
N ASP A 11 2.36 -2.51 6.87
CA ASP A 11 2.21 -3.80 6.10
C ASP A 11 3.46 -4.63 6.33
N VAL A 12 3.41 -5.52 7.30
CA VAL A 12 4.60 -6.37 7.61
C VAL A 12 4.17 -7.83 7.76
N LYS A 13 3.03 -8.06 8.35
CA LYS A 13 2.51 -9.46 8.56
C LYS A 13 1.83 -9.98 7.29
N LYS A 14 1.56 -9.12 6.33
CA LYS A 14 0.88 -9.58 5.07
C LYS A 14 1.92 -9.89 4.01
N CYS A 15 1.50 -10.12 2.78
CA CYS A 15 2.46 -10.46 1.68
C CYS A 15 3.37 -9.26 1.42
N GLY A 16 2.87 -8.06 1.59
CA GLY A 16 3.70 -6.84 1.34
C GLY A 16 3.53 -6.43 -0.12
N ILE A 17 2.33 -6.05 -0.48
CA ILE A 17 2.02 -5.62 -1.88
C ILE A 17 3.03 -4.55 -2.29
N GLN A 18 3.49 -4.60 -3.53
CA GLN A 18 4.50 -3.60 -4.02
C GLN A 18 3.88 -2.78 -5.14
N ASP A 19 4.64 -1.85 -5.70
CA ASP A 19 4.11 -1.00 -6.80
C ASP A 19 4.46 -1.62 -8.16
N THR A 20 4.20 -2.90 -8.31
CA THR A 20 4.50 -3.60 -9.60
C THR A 20 3.36 -3.34 -10.59
N ASN A 21 2.17 -3.76 -10.24
CA ASN A 21 0.99 -3.55 -11.14
C ASN A 21 -0.13 -2.87 -10.34
N SER A 22 -0.26 -3.19 -9.08
CA SER A 22 -1.33 -2.57 -8.22
C SER A 22 -2.71 -2.88 -8.80
N LYS A 23 -3.42 -3.79 -8.20
CA LYS A 23 -4.79 -4.17 -8.70
C LYS A 23 -5.73 -4.30 -7.50
N LYS A 24 -6.93 -3.77 -7.62
CA LYS A 24 -7.92 -3.86 -6.51
C LYS A 24 -9.30 -4.15 -7.08
N GLN A 25 -10.18 -4.72 -6.28
CA GLN A 25 -11.55 -5.04 -6.74
C GLN A 25 -12.52 -3.98 -6.26
N SER A 26 -13.58 -3.74 -7.01
CA SER A 26 -14.59 -2.71 -6.62
C SER A 26 -15.99 -3.30 -6.77
N ASP A 27 -16.96 -2.73 -6.09
CA ASP A 27 -18.36 -3.24 -6.17
C ASP A 27 -18.87 -3.12 -7.61
N THR A 28 -18.95 -1.93 -8.13
CA THR A 28 -19.43 -1.74 -9.54
C THR A 28 -18.48 -2.46 -10.49
N HIS A 29 -18.74 -2.39 -11.79
CA HIS A 29 -17.86 -3.08 -12.79
C HIS A 29 -16.43 -2.57 -12.62
N LEU A 30 -15.47 -3.47 -12.61
CA LEU A 30 -14.04 -3.06 -12.45
C LEU A 30 -13.46 -2.65 -13.80
N GLU A 31 -12.20 -2.26 -13.82
CA GLU A 31 -11.54 -1.84 -15.10
C GLU A 31 -10.21 -2.57 -15.24
N GLU A 32 -9.84 -2.94 -16.45
CA GLU A 32 -8.54 -3.65 -16.68
C GLU A 32 -7.39 -2.66 -16.51
N THR A 33 -6.23 -3.14 -16.13
CA THR A 33 -5.01 -2.26 -15.93
C THR A 33 -5.40 -0.95 -15.23
N GLY A 1 13.65 12.21 21.59
CA GLY A 1 14.85 11.52 22.15
C GLY A 1 14.40 10.33 23.01
N PRO A 2 14.03 10.52 24.29
CA PRO A 2 13.59 9.37 25.14
C PRO A 2 12.35 8.69 24.57
N ARG A 3 11.32 9.44 24.27
CA ARG A 3 10.06 8.86 23.73
C ARG A 3 10.36 8.13 22.41
N LEU A 4 9.33 7.79 21.66
CA LEU A 4 9.53 7.07 20.35
C LEU A 4 9.02 7.96 19.23
N ARG A 5 9.39 7.66 18.01
CA ARG A 5 8.92 8.46 16.83
C ARG A 5 8.03 7.59 15.95
N LYS A 6 7.60 8.09 14.80
CA LYS A 6 6.73 7.30 13.89
C LYS A 6 7.40 5.97 13.54
N GLY A 7 6.81 5.20 12.66
CA GLY A 7 7.38 3.87 12.27
C GLY A 7 6.62 2.75 12.98
N ARG A 8 5.37 2.99 13.33
CA ARG A 8 4.55 1.94 14.03
C ARG A 8 4.53 0.67 13.18
N MET A 9 4.01 -0.40 13.74
CA MET A 9 3.95 -1.71 13.01
C MET A 9 3.16 -1.58 11.70
N MET A 10 3.82 -1.14 10.66
CA MET A 10 3.17 -1.03 9.31
C MET A 10 3.47 -2.35 8.58
N ASP A 11 2.80 -2.63 7.47
CA ASP A 11 2.99 -3.93 6.67
C ASP A 11 3.97 -4.91 7.36
N VAL A 12 3.52 -5.51 8.44
CA VAL A 12 4.40 -6.45 9.21
C VAL A 12 4.15 -7.88 8.76
N LYS A 13 2.89 -8.28 8.66
CA LYS A 13 2.56 -9.67 8.22
C LYS A 13 1.94 -9.67 6.82
N LYS A 14 1.68 -8.51 6.25
CA LYS A 14 1.08 -8.44 4.88
C LYS A 14 1.96 -9.18 3.89
N CYS A 15 1.51 -9.27 2.66
CA CYS A 15 2.29 -9.96 1.59
C CYS A 15 3.27 -8.97 0.96
N GLY A 16 2.90 -7.71 0.88
CA GLY A 16 3.79 -6.68 0.27
C GLY A 16 3.44 -6.58 -1.22
N ILE A 17 2.26 -6.09 -1.51
CA ILE A 17 1.80 -5.95 -2.92
C ILE A 17 2.80 -5.09 -3.70
N GLN A 18 3.07 -5.45 -4.93
CA GLN A 18 4.05 -4.68 -5.76
C GLN A 18 3.33 -4.08 -6.96
N ASP A 19 3.82 -2.98 -7.46
CA ASP A 19 3.19 -2.32 -8.64
C ASP A 19 3.77 -2.91 -9.93
N THR A 20 3.78 -4.22 -10.02
CA THR A 20 4.34 -4.90 -11.24
C THR A 20 3.37 -4.70 -12.40
N ASN A 21 2.15 -5.16 -12.25
CA ASN A 21 1.13 -5.02 -13.34
C ASN A 21 -0.09 -4.31 -12.77
N SER A 22 -0.73 -4.91 -11.79
CA SER A 22 -1.94 -4.28 -11.16
C SER A 22 -2.99 -4.01 -12.24
N LYS A 23 -3.94 -4.91 -12.40
CA LYS A 23 -5.01 -4.71 -13.42
C LYS A 23 -6.30 -5.31 -12.89
N LYS A 24 -7.31 -4.50 -12.68
CA LYS A 24 -8.62 -5.00 -12.16
C LYS A 24 -9.75 -4.51 -13.06
N GLN A 25 -10.81 -5.28 -13.18
CA GLN A 25 -11.96 -4.88 -14.05
C GLN A 25 -13.26 -5.16 -13.31
N SER A 26 -13.87 -4.14 -12.76
CA SER A 26 -15.16 -4.32 -12.02
C SER A 26 -16.13 -3.23 -12.44
N ASP A 27 -17.39 -3.59 -12.65
CA ASP A 27 -18.41 -2.58 -13.08
C ASP A 27 -17.95 -1.87 -14.34
N THR A 28 -18.74 -0.96 -14.86
CA THR A 28 -18.36 -0.22 -16.11
C THR A 28 -17.03 0.50 -15.86
N HIS A 29 -15.95 -0.04 -16.39
CA HIS A 29 -14.61 0.59 -16.21
C HIS A 29 -14.14 1.18 -17.54
N LEU A 30 -13.39 2.26 -17.51
CA LEU A 30 -12.89 2.89 -18.76
C LEU A 30 -11.37 2.81 -18.79
N GLU A 31 -10.80 2.64 -19.97
CA GLU A 31 -9.31 2.55 -20.09
C GLU A 31 -8.67 3.79 -19.50
N GLU A 32 -8.11 3.68 -18.32
CA GLU A 32 -7.45 4.86 -17.66
C GLU A 32 -6.25 5.28 -18.49
N THR A 33 -6.07 6.58 -18.65
CA THR A 33 -4.92 7.10 -19.44
C THR A 33 -4.15 8.13 -18.62
N GLY A 1 15.21 12.45 20.56
CA GLY A 1 14.49 11.15 20.65
C GLY A 1 13.67 11.11 21.95
N PRO A 2 12.67 11.98 22.13
CA PRO A 2 11.85 11.97 23.38
C PRO A 2 11.26 10.58 23.67
N ARG A 3 10.74 9.93 22.66
CA ARG A 3 10.15 8.57 22.85
C ARG A 3 10.33 7.77 21.54
N LEU A 4 9.44 7.93 20.59
CA LEU A 4 9.57 7.20 19.29
C LEU A 4 8.92 8.01 18.17
N ARG A 5 9.32 7.78 16.94
CA ARG A 5 8.73 8.53 15.79
C ARG A 5 7.94 7.53 14.94
N LYS A 6 7.42 7.95 13.81
CA LYS A 6 6.61 7.04 12.94
C LYS A 6 7.38 5.75 12.66
N GLY A 7 6.70 4.77 12.12
CA GLY A 7 7.35 3.46 11.81
C GLY A 7 6.72 2.36 12.67
N ARG A 8 5.49 2.55 13.11
CA ARG A 8 4.81 1.51 13.94
C ARG A 8 4.62 0.24 13.11
N MET A 9 4.07 -0.79 13.70
CA MET A 9 3.86 -2.07 12.96
C MET A 9 2.92 -1.84 11.76
N MET A 10 3.48 -1.70 10.58
CA MET A 10 2.65 -1.49 9.35
C MET A 10 2.40 -2.88 8.73
N ASP A 11 2.21 -2.97 7.43
CA ASP A 11 1.98 -4.31 6.78
C ASP A 11 3.21 -5.19 7.03
N VAL A 12 3.18 -5.99 8.08
CA VAL A 12 4.34 -6.88 8.39
C VAL A 12 3.93 -8.33 8.14
N LYS A 13 2.74 -8.70 8.56
CA LYS A 13 2.25 -10.10 8.32
C LYS A 13 1.62 -10.23 6.93
N LYS A 14 1.42 -9.12 6.24
CA LYS A 14 0.80 -9.15 4.88
C LYS A 14 1.87 -9.48 3.84
N CYS A 15 1.48 -9.56 2.59
CA CYS A 15 2.45 -9.86 1.50
C CYS A 15 3.45 -8.72 1.38
N GLY A 16 3.04 -7.51 1.71
CA GLY A 16 3.96 -6.33 1.60
C GLY A 16 3.86 -5.77 0.19
N ILE A 17 2.77 -5.11 -0.09
CA ILE A 17 2.53 -4.52 -1.45
C ILE A 17 3.66 -3.53 -1.76
N GLN A 18 4.10 -3.49 -2.99
CA GLN A 18 5.19 -2.55 -3.38
C GLN A 18 4.80 -1.83 -4.66
N ASP A 19 5.53 -0.80 -5.02
CA ASP A 19 5.22 -0.02 -6.26
C ASP A 19 5.99 -0.62 -7.44
N THR A 20 5.49 -1.69 -8.00
CA THR A 20 6.18 -2.34 -9.16
C THR A 20 5.81 -1.60 -10.45
N ASN A 21 4.54 -1.58 -10.79
CA ASN A 21 4.09 -0.89 -12.02
C ASN A 21 2.96 0.09 -11.67
N SER A 22 1.84 -0.43 -11.20
CA SER A 22 0.69 0.45 -10.83
C SER A 22 -0.42 -0.41 -10.23
N LYS A 23 -0.92 -0.04 -9.07
CA LYS A 23 -2.01 -0.82 -8.42
C LYS A 23 -2.87 0.12 -7.59
N LYS A 24 -4.02 0.50 -8.11
CA LYS A 24 -4.94 1.43 -7.37
C LYS A 24 -6.38 0.98 -7.57
N GLN A 25 -7.22 1.20 -6.59
CA GLN A 25 -8.66 0.79 -6.71
C GLN A 25 -9.54 1.91 -6.18
N SER A 26 -10.69 2.13 -6.80
CA SER A 26 -11.62 3.21 -6.35
C SER A 26 -13.05 2.68 -6.31
N ASP A 27 -13.95 3.41 -5.71
CA ASP A 27 -15.38 2.97 -5.61
C ASP A 27 -16.07 3.16 -6.96
N THR A 28 -16.02 4.36 -7.51
CA THR A 28 -16.66 4.63 -8.83
C THR A 28 -15.88 3.93 -9.93
N HIS A 29 -16.34 4.04 -11.16
CA HIS A 29 -15.63 3.37 -12.31
C HIS A 29 -14.19 3.83 -12.34
N LEU A 30 -13.30 3.00 -12.86
CA LEU A 30 -11.86 3.36 -12.93
C LEU A 30 -11.64 4.33 -14.09
N GLU A 31 -10.44 4.87 -14.20
CA GLU A 31 -10.12 5.84 -15.30
C GLU A 31 -8.79 5.45 -15.94
N GLU A 32 -8.67 5.67 -17.22
CA GLU A 32 -7.39 5.32 -17.94
C GLU A 32 -7.10 6.40 -18.98
N THR A 33 -5.85 6.76 -19.15
CA THR A 33 -5.47 7.79 -20.15
C THR A 33 -3.95 7.84 -20.30
N GLY A 1 16.30 11.32 21.89
CA GLY A 1 14.85 11.18 21.60
C GLY A 1 14.24 10.12 22.55
N PRO A 2 13.95 10.43 23.81
CA PRO A 2 13.37 9.42 24.74
C PRO A 2 12.13 8.75 24.15
N ARG A 3 11.19 9.54 23.66
CA ARG A 3 9.94 8.97 23.08
C ARG A 3 10.27 8.15 21.81
N LEU A 4 9.28 7.83 21.02
CA LEU A 4 9.50 7.05 19.76
C LEU A 4 9.09 7.90 18.57
N ARG A 5 9.45 7.49 17.38
CA ARG A 5 9.07 8.27 16.15
C ARG A 5 8.20 7.37 15.27
N LYS A 6 7.80 7.86 14.11
CA LYS A 6 6.94 7.07 13.19
C LYS A 6 7.59 5.71 12.89
N GLY A 7 6.96 4.90 12.08
CA GLY A 7 7.51 3.55 11.75
C GLY A 7 6.77 2.49 12.56
N ARG A 8 5.52 2.75 12.92
CA ARG A 8 4.73 1.76 13.72
C ARG A 8 4.54 0.48 12.91
N MET A 9 3.98 -0.54 13.53
CA MET A 9 3.76 -1.84 12.82
C MET A 9 2.90 -1.61 11.58
N MET A 10 3.52 -1.57 10.42
CA MET A 10 2.75 -1.37 9.14
C MET A 10 2.47 -2.76 8.55
N ASP A 11 2.35 -2.89 7.23
CA ASP A 11 2.09 -4.23 6.62
C ASP A 11 3.28 -5.15 6.94
N VAL A 12 3.20 -5.88 8.02
CA VAL A 12 4.31 -6.80 8.41
C VAL A 12 3.87 -8.25 8.20
N LYS A 13 2.65 -8.56 8.56
CA LYS A 13 2.12 -9.96 8.37
C LYS A 13 1.57 -10.13 6.95
N LYS A 14 1.44 -9.05 6.21
CA LYS A 14 0.90 -9.14 4.81
C LYS A 14 2.03 -9.51 3.86
N CYS A 15 1.70 -9.72 2.60
CA CYS A 15 2.74 -10.06 1.58
C CYS A 15 3.68 -8.88 1.40
N GLY A 16 3.18 -7.67 1.55
CA GLY A 16 4.04 -6.46 1.39
C GLY A 16 3.97 -5.98 -0.05
N ILE A 17 2.79 -5.95 -0.60
CA ILE A 17 2.59 -5.51 -2.01
C ILE A 17 2.94 -4.03 -2.12
N GLN A 18 3.84 -3.69 -3.02
CA GLN A 18 4.24 -2.27 -3.19
C GLN A 18 3.64 -1.74 -4.49
N ASP A 19 3.67 -0.44 -4.69
CA ASP A 19 3.11 0.15 -5.93
C ASP A 19 4.14 0.06 -7.05
N THR A 20 4.27 -1.10 -7.64
CA THR A 20 5.26 -1.30 -8.75
C THR A 20 4.66 -0.80 -10.06
N ASN A 21 3.51 -1.33 -10.44
CA ASN A 21 2.84 -0.90 -11.70
C ASN A 21 1.41 -0.46 -11.39
N SER A 22 0.61 -1.36 -10.87
CA SER A 22 -0.81 -1.04 -10.53
C SER A 22 -1.52 -0.47 -11.76
N LYS A 23 -2.19 -1.32 -12.50
CA LYS A 23 -2.93 -0.85 -13.73
C LYS A 23 -4.42 -1.09 -13.53
N LYS A 24 -5.20 -0.04 -13.57
CA LYS A 24 -6.69 -0.17 -13.39
C LYS A 24 -7.41 0.71 -14.39
N GLN A 25 -8.64 0.36 -14.73
CA GLN A 25 -9.44 1.17 -15.71
C GLN A 25 -10.80 1.49 -15.10
N SER A 26 -10.97 2.71 -14.59
CA SER A 26 -12.27 3.12 -13.98
C SER A 26 -12.68 4.47 -14.54
N ASP A 27 -13.85 4.57 -15.14
CA ASP A 27 -14.31 5.88 -15.74
C ASP A 27 -13.26 6.33 -16.77
N THR A 28 -13.48 7.47 -17.42
CA THR A 28 -12.50 8.03 -18.47
C THR A 28 -11.52 6.96 -19.02
N HIS A 29 -10.29 7.31 -19.36
CA HIS A 29 -9.34 6.26 -19.88
C HIS A 29 -8.41 5.86 -18.73
N LEU A 30 -7.84 4.68 -18.79
CA LEU A 30 -6.93 4.21 -17.70
C LEU A 30 -5.66 5.05 -17.72
N GLU A 31 -4.94 5.08 -16.61
CA GLU A 31 -3.67 5.89 -16.54
C GLU A 31 -2.49 4.96 -16.78
N GLU A 32 -1.64 5.30 -17.72
CA GLU A 32 -0.44 4.46 -18.02
C GLU A 32 0.82 5.20 -17.61
N THR A 33 1.55 4.66 -16.67
CA THR A 33 2.81 5.32 -16.20
C THR A 33 3.94 4.29 -16.16
N GLY A 1 10.87 12.07 28.14
CA GLY A 1 11.90 11.03 27.81
C GLY A 1 12.14 11.01 26.30
N PRO A 2 13.02 10.13 25.77
CA PRO A 2 13.28 10.09 24.30
C PRO A 2 12.05 9.63 23.49
N ARG A 3 11.05 9.07 24.16
CA ARG A 3 9.81 8.61 23.46
C ARG A 3 10.17 7.85 22.16
N LEU A 4 9.22 7.73 21.25
CA LEU A 4 9.46 7.03 19.95
C LEU A 4 8.92 7.90 18.83
N ARG A 5 9.35 7.66 17.61
CA ARG A 5 8.84 8.46 16.46
C ARG A 5 8.00 7.56 15.56
N LYS A 6 7.58 8.04 14.42
CA LYS A 6 6.74 7.24 13.50
C LYS A 6 7.45 5.92 13.18
N GLY A 7 6.81 5.06 12.42
CA GLY A 7 7.41 3.74 12.07
C GLY A 7 6.73 2.62 12.85
N ARG A 8 5.49 2.84 13.26
CA ARG A 8 4.74 1.80 14.03
C ARG A 8 4.70 0.50 13.23
N MET A 9 4.07 -0.52 13.78
CA MET A 9 3.97 -1.83 13.07
C MET A 9 3.18 -1.69 11.77
N MET A 10 3.84 -1.23 10.73
CA MET A 10 3.17 -1.10 9.39
C MET A 10 3.44 -2.41 8.65
N ASP A 11 2.77 -2.67 7.53
CA ASP A 11 2.94 -3.97 6.73
C ASP A 11 3.91 -4.95 7.40
N VAL A 12 3.47 -5.56 8.48
CA VAL A 12 4.34 -6.52 9.25
C VAL A 12 4.09 -7.95 8.79
N LYS A 13 2.85 -8.33 8.64
CA LYS A 13 2.51 -9.73 8.19
C LYS A 13 1.89 -9.72 6.79
N LYS A 14 1.62 -8.55 6.24
CA LYS A 14 1.01 -8.47 4.88
C LYS A 14 1.95 -9.08 3.85
N CYS A 15 1.41 -9.44 2.71
CA CYS A 15 2.24 -10.06 1.62
C CYS A 15 3.25 -9.02 1.12
N GLY A 16 2.87 -7.77 1.10
CA GLY A 16 3.79 -6.69 0.61
C GLY A 16 3.49 -6.43 -0.86
N ILE A 17 2.35 -5.84 -1.13
CA ILE A 17 1.94 -5.54 -2.53
C ILE A 17 2.96 -4.59 -3.16
N GLN A 18 3.31 -4.83 -4.40
CA GLN A 18 4.32 -3.95 -5.09
C GLN A 18 3.72 -3.45 -6.40
N ASP A 19 4.39 -2.51 -7.04
CA ASP A 19 3.88 -1.96 -8.33
C ASP A 19 4.82 -2.39 -9.47
N THR A 20 4.48 -3.43 -10.18
CA THR A 20 5.34 -3.91 -11.30
C THR A 20 5.21 -2.95 -12.48
N ASN A 21 4.00 -2.65 -12.88
CA ASN A 21 3.77 -1.72 -14.03
C ASN A 21 2.92 -0.54 -13.55
N SER A 22 1.71 -0.82 -13.10
CA SER A 22 0.80 0.27 -12.62
C SER A 22 -0.42 -0.33 -11.94
N LYS A 23 -0.70 0.09 -10.72
CA LYS A 23 -1.88 -0.45 -9.98
C LYS A 23 -2.61 0.71 -9.31
N LYS A 24 -3.70 1.17 -9.88
CA LYS A 24 -4.47 2.30 -9.28
C LYS A 24 -5.92 1.87 -9.09
N GLN A 25 -6.57 2.37 -8.05
CA GLN A 25 -8.00 2.00 -7.78
C GLN A 25 -8.80 3.26 -7.45
N SER A 26 -10.00 3.35 -7.96
CA SER A 26 -10.87 4.54 -7.69
C SER A 26 -12.28 4.08 -7.35
N ASP A 27 -13.11 4.99 -6.87
CA ASP A 27 -14.51 4.63 -6.51
C ASP A 27 -15.37 4.58 -7.76
N THR A 28 -15.37 5.64 -8.53
CA THR A 28 -16.18 5.68 -9.78
C THR A 28 -15.64 4.66 -10.78
N HIS A 29 -16.41 4.31 -11.78
CA HIS A 29 -15.96 3.32 -12.79
C HIS A 29 -14.77 3.90 -13.57
N LEU A 30 -13.80 3.07 -13.87
CA LEU A 30 -12.60 3.55 -14.63
C LEU A 30 -12.87 3.43 -16.13
N GLU A 31 -11.99 3.96 -16.95
CA GLU A 31 -12.17 3.88 -18.43
C GLU A 31 -10.93 3.24 -19.05
N GLU A 32 -11.10 2.44 -20.07
CA GLU A 32 -9.95 1.78 -20.74
C GLU A 32 -9.17 2.81 -21.55
N THR A 33 -7.89 2.57 -21.77
CA THR A 33 -7.05 3.52 -22.56
C THR A 33 -7.67 3.71 -23.94
N GLY A 1 12.43 14.01 22.87
CA GLY A 1 13.30 13.73 21.70
C GLY A 1 13.46 12.21 21.52
N PRO A 2 14.03 11.50 22.50
CA PRO A 2 14.21 10.01 22.37
C PRO A 2 12.88 9.24 22.38
N ARG A 3 11.74 9.93 22.54
CA ARG A 3 10.41 9.22 22.56
C ARG A 3 10.32 8.29 21.35
N LEU A 4 9.32 7.43 21.27
CA LEU A 4 9.23 6.56 20.06
C LEU A 4 8.62 7.43 18.96
N ARG A 5 9.25 7.47 17.81
CA ARG A 5 8.73 8.31 16.71
C ARG A 5 7.91 7.44 15.76
N LYS A 6 7.56 7.97 14.61
CA LYS A 6 6.75 7.20 13.62
C LYS A 6 7.46 5.89 13.29
N GLY A 7 6.87 5.11 12.40
CA GLY A 7 7.47 3.79 12.02
C GLY A 7 6.76 2.67 12.79
N ARG A 8 5.51 2.87 13.16
CA ARG A 8 4.75 1.83 13.91
C ARG A 8 4.60 0.59 13.04
N MET A 9 4.15 -0.49 13.62
CA MET A 9 3.96 -1.76 12.84
C MET A 9 3.03 -1.51 11.65
N MET A 10 3.58 -1.49 10.46
CA MET A 10 2.75 -1.30 9.22
C MET A 10 2.51 -2.68 8.61
N ASP A 11 2.33 -2.79 7.30
CA ASP A 11 2.12 -4.14 6.67
C ASP A 11 3.35 -5.02 6.95
N VAL A 12 3.30 -5.80 8.00
CA VAL A 12 4.46 -6.69 8.36
C VAL A 12 4.06 -8.14 8.14
N LYS A 13 2.87 -8.51 8.55
CA LYS A 13 2.38 -9.91 8.36
C LYS A 13 1.73 -10.07 6.97
N LYS A 14 1.53 -8.98 6.26
CA LYS A 14 0.90 -9.05 4.91
C LYS A 14 1.94 -9.46 3.87
N CYS A 15 1.52 -9.64 2.65
CA CYS A 15 2.45 -10.03 1.55
C CYS A 15 3.42 -8.87 1.28
N GLY A 16 2.96 -7.64 1.47
CA GLY A 16 3.83 -6.46 1.20
C GLY A 16 3.68 -6.09 -0.27
N ILE A 17 2.55 -5.54 -0.61
CA ILE A 17 2.26 -5.15 -2.04
C ILE A 17 3.37 -4.22 -2.53
N GLN A 18 3.71 -4.31 -3.79
CA GLN A 18 4.79 -3.44 -4.37
C GLN A 18 4.28 -2.79 -5.65
N ASP A 19 4.86 -1.68 -6.03
CA ASP A 19 4.43 -0.98 -7.28
C ASP A 19 5.20 -1.55 -8.48
N THR A 20 5.25 -2.86 -8.58
CA THR A 20 5.97 -3.52 -9.71
C THR A 20 5.13 -3.40 -10.97
N ASN A 21 3.89 -3.83 -10.91
CA ASN A 21 2.98 -3.75 -12.09
C ASN A 21 1.70 -3.01 -11.69
N SER A 22 0.96 -3.55 -10.74
CA SER A 22 -0.29 -2.90 -10.28
C SER A 22 -1.22 -2.66 -11.47
N LYS A 23 -2.09 -3.60 -11.76
CA LYS A 23 -3.03 -3.46 -12.91
C LYS A 23 -4.38 -4.07 -12.54
N LYS A 24 -5.28 -3.26 -12.01
CA LYS A 24 -6.63 -3.77 -11.62
C LYS A 24 -7.69 -2.75 -11.99
N GLN A 25 -8.83 -3.20 -12.46
CA GLN A 25 -9.93 -2.26 -12.86
C GLN A 25 -11.26 -2.80 -12.34
N SER A 26 -12.12 -1.93 -11.86
CA SER A 26 -13.45 -2.35 -11.33
C SER A 26 -14.52 -1.41 -11.86
N ASP A 27 -15.77 -1.65 -11.52
CA ASP A 27 -16.88 -0.77 -11.99
C ASP A 27 -16.88 -0.74 -13.52
N THR A 28 -17.75 0.06 -14.12
CA THR A 28 -17.81 0.14 -15.61
C THR A 28 -16.45 0.55 -16.15
N HIS A 29 -16.27 0.48 -17.45
CA HIS A 29 -14.96 0.86 -18.07
C HIS A 29 -14.61 2.29 -17.69
N LEU A 30 -13.42 2.50 -17.16
CA LEU A 30 -12.99 3.87 -16.75
C LEU A 30 -11.88 4.34 -17.69
N GLU A 31 -11.71 5.64 -17.80
CA GLU A 31 -10.65 6.21 -18.70
C GLU A 31 -9.29 5.71 -18.23
N GLU A 32 -8.33 5.61 -19.14
CA GLU A 32 -6.97 5.13 -18.78
C GLU A 32 -6.01 6.31 -18.77
N THR A 33 -5.33 6.53 -17.66
CA THR A 33 -4.37 7.66 -17.56
C THR A 33 -3.13 7.35 -18.39
N GLY A 1 13.21 12.56 21.93
CA GLY A 1 14.41 11.67 21.90
C GLY A 1 14.11 10.36 22.64
N PRO A 2 13.94 10.38 23.98
CA PRO A 2 13.65 9.12 24.74
C PRO A 2 12.43 8.38 24.19
N ARG A 3 11.33 9.08 24.00
CA ARG A 3 10.08 8.44 23.48
C ARG A 3 10.36 7.81 22.10
N LEU A 4 9.32 7.43 21.39
CA LEU A 4 9.51 6.81 20.03
C LEU A 4 8.99 7.78 18.97
N ARG A 5 9.38 7.57 17.73
CA ARG A 5 8.90 8.46 16.63
C ARG A 5 8.05 7.62 15.66
N LYS A 6 7.61 8.21 14.57
CA LYS A 6 6.76 7.48 13.58
C LYS A 6 7.47 6.19 13.13
N GLY A 7 6.86 5.44 12.24
CA GLY A 7 7.46 4.17 11.76
C GLY A 7 6.83 2.99 12.51
N ARG A 8 5.59 3.13 12.94
CA ARG A 8 4.91 2.03 13.68
C ARG A 8 4.72 0.83 12.76
N MET A 9 4.22 -0.26 13.29
CA MET A 9 4.00 -1.49 12.47
C MET A 9 3.08 -1.16 11.29
N MET A 10 3.48 -1.55 10.11
CA MET A 10 2.66 -1.29 8.88
C MET A 10 2.47 -2.64 8.17
N ASP A 11 2.28 -2.65 6.85
CA ASP A 11 2.11 -3.95 6.12
C ASP A 11 3.37 -4.78 6.34
N VAL A 12 3.35 -5.66 7.30
CA VAL A 12 4.55 -6.49 7.61
C VAL A 12 4.13 -7.96 7.80
N LYS A 13 2.96 -8.17 8.37
CA LYS A 13 2.44 -9.56 8.59
C LYS A 13 1.78 -10.10 7.32
N LYS A 14 1.52 -9.26 6.34
CA LYS A 14 0.85 -9.72 5.08
C LYS A 14 1.92 -9.98 4.01
N CYS A 15 1.51 -10.14 2.76
CA CYS A 15 2.47 -10.42 1.65
C CYS A 15 3.40 -9.23 1.46
N GLY A 16 2.89 -8.03 1.65
CA GLY A 16 3.74 -6.80 1.46
C GLY A 16 3.58 -6.33 0.03
N ILE A 17 2.41 -5.85 -0.30
CA ILE A 17 2.13 -5.36 -1.70
C ILE A 17 3.16 -4.29 -2.05
N GLN A 18 3.62 -4.28 -3.29
CA GLN A 18 4.63 -3.27 -3.72
C GLN A 18 4.09 -2.49 -4.91
N ASP A 19 4.60 -1.29 -5.12
CA ASP A 19 4.13 -0.45 -6.27
C ASP A 19 4.92 -0.81 -7.52
N THR A 20 5.04 -2.08 -7.81
CA THR A 20 5.80 -2.54 -9.02
C THR A 20 4.94 -2.33 -10.26
N ASN A 21 3.77 -2.92 -10.28
CA ASN A 21 2.85 -2.78 -11.46
C ASN A 21 1.49 -2.27 -10.98
N SER A 22 0.89 -2.97 -10.05
CA SER A 22 -0.44 -2.56 -9.50
C SER A 22 -1.46 -2.48 -10.64
N LYS A 23 -2.27 -3.51 -10.79
CA LYS A 23 -3.30 -3.52 -11.87
C LYS A 23 -4.54 -4.25 -11.36
N LYS A 24 -5.63 -3.53 -11.16
CA LYS A 24 -6.90 -4.16 -10.66
C LYS A 24 -8.09 -3.55 -11.38
N GLN A 25 -9.21 -4.24 -11.37
CA GLN A 25 -10.45 -3.72 -12.05
C GLN A 25 -11.61 -3.75 -11.07
N SER A 26 -12.40 -2.70 -11.05
CA SER A 26 -13.58 -2.63 -10.12
C SER A 26 -14.78 -2.11 -10.88
N ASP A 27 -15.94 -2.13 -10.25
CA ASP A 27 -17.18 -1.61 -10.93
C ASP A 27 -16.93 -0.16 -11.34
N THR A 28 -17.91 0.46 -12.00
CA THR A 28 -17.81 1.90 -12.49
C THR A 28 -16.35 2.40 -12.53
N HIS A 29 -15.61 1.98 -13.53
CA HIS A 29 -14.18 2.38 -13.65
C HIS A 29 -14.05 3.90 -13.73
N LEU A 30 -13.07 4.46 -13.05
CA LEU A 30 -12.87 5.93 -13.07
C LEU A 30 -11.53 6.25 -13.73
N GLU A 31 -11.24 7.52 -13.94
CA GLU A 31 -9.94 7.90 -14.58
C GLU A 31 -8.96 8.34 -13.51
N GLU A 32 -7.70 8.48 -13.85
CA GLU A 32 -6.66 8.90 -12.85
C GLU A 32 -6.93 10.35 -12.43
N THR A 33 -6.47 10.72 -11.26
CA THR A 33 -6.68 12.12 -10.76
C THR A 33 -5.58 12.48 -9.76
N GLY A 1 12.14 11.89 26.79
CA GLY A 1 11.10 12.89 26.47
C GLY A 1 10.57 12.65 25.04
N PRO A 2 11.42 12.70 24.01
CA PRO A 2 10.93 12.46 22.60
C PRO A 2 10.25 11.10 22.46
N ARG A 3 10.65 10.15 23.29
CA ARG A 3 10.04 8.78 23.25
C ARG A 3 10.24 8.18 21.84
N LEU A 4 9.33 7.34 21.37
CA LEU A 4 9.48 6.72 20.01
C LEU A 4 8.94 7.67 18.96
N ARG A 5 9.33 7.48 17.71
CA ARG A 5 8.83 8.37 16.61
C ARG A 5 7.99 7.54 15.64
N LYS A 6 7.60 8.11 14.52
CA LYS A 6 6.76 7.35 13.53
C LYS A 6 7.45 6.04 13.15
N GLY A 7 6.85 5.29 12.25
CA GLY A 7 7.44 3.97 11.83
C GLY A 7 6.82 2.85 12.65
N ARG A 8 5.59 3.00 13.08
CA ARG A 8 4.91 1.94 13.89
C ARG A 8 4.73 0.70 13.03
N MET A 9 4.21 -0.35 13.63
CA MET A 9 3.98 -1.63 12.87
C MET A 9 3.05 -1.37 11.69
N MET A 10 3.57 -1.47 10.49
CA MET A 10 2.73 -1.26 9.26
C MET A 10 2.52 -2.64 8.62
N ASP A 11 2.35 -2.74 7.30
CA ASP A 11 2.17 -4.08 6.65
C ASP A 11 3.39 -4.95 6.95
N VAL A 12 3.35 -5.72 8.00
CA VAL A 12 4.50 -6.61 8.36
C VAL A 12 4.10 -8.06 8.15
N LYS A 13 2.91 -8.43 8.55
CA LYS A 13 2.41 -9.84 8.36
C LYS A 13 1.77 -10.00 6.98
N LYS A 14 1.57 -8.91 6.25
CA LYS A 14 0.94 -8.98 4.90
C LYS A 14 1.98 -9.39 3.87
N CYS A 15 1.56 -9.73 2.68
CA CYS A 15 2.52 -10.14 1.61
C CYS A 15 3.42 -8.96 1.24
N GLY A 16 2.95 -7.74 1.46
CA GLY A 16 3.77 -6.53 1.11
C GLY A 16 3.59 -6.25 -0.37
N ILE A 17 2.44 -5.74 -0.73
CA ILE A 17 2.13 -5.42 -2.15
C ILE A 17 3.17 -4.43 -2.67
N GLN A 18 3.57 -4.56 -3.91
CA GLN A 18 4.59 -3.64 -4.49
C GLN A 18 4.11 -3.15 -5.86
N ASP A 19 4.79 -2.18 -6.42
CA ASP A 19 4.40 -1.64 -7.76
C ASP A 19 5.09 -2.46 -8.85
N THR A 20 5.01 -3.77 -8.74
CA THR A 20 5.66 -4.66 -9.76
C THR A 20 4.74 -4.78 -10.97
N ASN A 21 3.50 -5.19 -10.76
CA ASN A 21 2.53 -5.33 -11.89
C ASN A 21 1.28 -4.51 -11.58
N SER A 22 0.81 -4.57 -10.36
CA SER A 22 -0.40 -3.80 -9.94
C SER A 22 -1.63 -4.31 -10.71
N LYS A 23 -2.68 -4.64 -9.99
CA LYS A 23 -3.92 -5.14 -10.66
C LYS A 23 -5.12 -4.93 -9.73
N LYS A 24 -6.07 -4.15 -10.15
CA LYS A 24 -7.28 -3.88 -9.31
C LYS A 24 -8.52 -3.83 -10.20
N GLN A 25 -9.68 -4.14 -9.65
CA GLN A 25 -10.93 -4.11 -10.46
C GLN A 25 -12.03 -3.40 -9.67
N SER A 26 -12.51 -2.28 -10.17
CA SER A 26 -13.57 -1.52 -9.47
C SER A 26 -14.68 -1.17 -10.46
N ASP A 27 -15.89 -1.00 -9.98
CA ASP A 27 -17.04 -0.67 -10.88
C ASP A 27 -17.17 -1.72 -11.97
N THR A 28 -18.14 -1.59 -12.85
CA THR A 28 -18.33 -2.58 -13.95
C THR A 28 -17.20 -2.45 -14.95
N HIS A 29 -17.02 -3.43 -15.81
CA HIS A 29 -15.93 -3.39 -16.82
C HIS A 29 -16.19 -2.23 -17.78
N LEU A 30 -15.15 -1.51 -18.14
CA LEU A 30 -15.31 -0.35 -19.07
C LEU A 30 -14.23 -0.40 -20.15
N GLU A 31 -14.29 0.49 -21.11
CA GLU A 31 -13.26 0.51 -22.20
C GLU A 31 -12.37 1.74 -22.02
N GLU A 32 -11.18 1.70 -22.57
CA GLU A 32 -10.24 2.86 -22.45
C GLU A 32 -10.13 3.58 -23.79
N THR A 33 -9.90 4.88 -23.76
CA THR A 33 -9.78 5.66 -25.03
C THR A 33 -8.41 5.41 -25.65
N GLY A 1 15.27 10.65 21.06
CA GLY A 1 14.81 11.14 22.41
C GLY A 1 14.30 9.94 23.22
N PRO A 2 14.04 10.10 24.54
CA PRO A 2 13.54 8.96 25.36
C PRO A 2 12.32 8.28 24.74
N ARG A 3 11.28 9.04 24.49
CA ARG A 3 10.03 8.47 23.89
C ARG A 3 10.35 7.85 22.52
N LEU A 4 9.34 7.56 21.73
CA LEU A 4 9.56 6.97 20.37
C LEU A 4 9.03 7.92 19.31
N ARG A 5 9.44 7.74 18.07
CA ARG A 5 8.96 8.62 16.97
C ARG A 5 8.11 7.78 16.01
N LYS A 6 7.64 8.36 14.92
CA LYS A 6 6.80 7.61 13.94
C LYS A 6 7.53 6.34 13.49
N GLY A 7 6.92 5.59 12.60
CA GLY A 7 7.54 4.33 12.10
C GLY A 7 6.88 3.12 12.79
N ARG A 8 5.64 3.27 13.20
CA ARG A 8 4.92 2.15 13.89
C ARG A 8 4.77 0.96 12.93
N MET A 9 4.29 -0.15 13.43
CA MET A 9 4.10 -1.37 12.57
C MET A 9 3.17 -1.03 11.40
N MET A 10 3.60 -1.35 10.19
CA MET A 10 2.77 -1.07 8.98
C MET A 10 2.52 -2.40 8.25
N ASP A 11 2.32 -2.40 6.95
CA ASP A 11 2.11 -3.69 6.21
C ASP A 11 3.38 -4.51 6.34
N VAL A 12 3.39 -5.44 7.26
CA VAL A 12 4.62 -6.27 7.48
C VAL A 12 4.22 -7.75 7.56
N LYS A 13 3.11 -8.02 8.20
CA LYS A 13 2.64 -9.44 8.38
C LYS A 13 1.88 -9.90 7.13
N LYS A 14 1.62 -9.03 6.19
CA LYS A 14 0.86 -9.43 4.95
C LYS A 14 1.86 -9.96 3.90
N CYS A 15 1.41 -10.10 2.66
CA CYS A 15 2.31 -10.61 1.58
C CYS A 15 3.30 -9.52 1.16
N GLY A 16 2.96 -8.27 1.36
CA GLY A 16 3.86 -7.16 0.96
C GLY A 16 3.55 -6.78 -0.48
N ILE A 17 2.34 -6.31 -0.72
CA ILE A 17 1.91 -5.92 -2.09
C ILE A 17 2.92 -4.93 -2.68
N GLN A 18 3.26 -5.09 -3.94
CA GLN A 18 4.24 -4.17 -4.58
C GLN A 18 3.63 -3.61 -5.86
N ASP A 19 3.89 -2.35 -6.14
CA ASP A 19 3.33 -1.71 -7.37
C ASP A 19 4.40 -1.70 -8.47
N THR A 20 4.65 -2.84 -9.08
CA THR A 20 5.67 -2.93 -10.17
C THR A 20 5.21 -2.12 -11.37
N ASN A 21 3.93 -2.23 -11.71
CA ASN A 21 3.39 -1.49 -12.87
C ASN A 21 2.25 -0.59 -12.40
N SER A 22 1.27 -1.15 -11.71
CA SER A 22 0.11 -0.34 -11.21
C SER A 22 -0.61 0.32 -12.38
N LYS A 23 -1.80 0.84 -12.14
CA LYS A 23 -2.57 1.51 -13.23
C LYS A 23 -3.14 2.82 -12.72
N LYS A 24 -3.82 3.57 -13.57
CA LYS A 24 -4.41 4.87 -13.16
C LYS A 24 -5.85 4.96 -13.66
N GLN A 25 -6.81 4.89 -12.75
CA GLN A 25 -8.25 4.97 -13.16
C GLN A 25 -9.00 5.90 -12.20
N SER A 26 -9.65 6.91 -12.72
CA SER A 26 -10.42 7.86 -11.86
C SER A 26 -11.78 8.13 -12.49
N ASP A 27 -12.71 8.63 -11.72
CA ASP A 27 -14.08 8.91 -12.26
C ASP A 27 -14.10 10.30 -12.91
N THR A 28 -13.92 11.34 -12.12
CA THR A 28 -13.91 12.73 -12.69
C THR A 28 -12.61 12.96 -13.45
N HIS A 29 -12.56 13.99 -14.28
CA HIS A 29 -11.32 14.28 -15.07
C HIS A 29 -10.20 14.67 -14.11
N LEU A 30 -9.31 13.75 -13.81
CA LEU A 30 -8.18 14.04 -12.88
C LEU A 30 -6.87 13.56 -13.50
N GLU A 31 -5.77 14.16 -13.13
CA GLU A 31 -4.44 13.76 -13.69
C GLU A 31 -3.44 13.60 -12.56
N GLU A 32 -2.35 12.91 -12.79
CA GLU A 32 -1.31 12.71 -11.74
C GLU A 32 -0.08 13.53 -12.08
N THR A 33 0.39 14.34 -11.15
CA THR A 33 1.60 15.19 -11.40
C THR A 33 2.59 15.00 -10.26
N GLY A 1 14.43 10.19 25.64
CA GLY A 1 14.93 8.82 25.93
C GLY A 1 13.81 7.80 25.69
N PRO A 2 12.88 7.61 26.65
CA PRO A 2 11.77 6.62 26.45
C PRO A 2 10.87 6.98 25.26
N ARG A 3 10.67 8.26 25.02
CA ARG A 3 9.80 8.69 23.88
C ARG A 3 10.30 8.06 22.58
N LEU A 4 9.38 7.81 21.69
CA LEU A 4 9.70 7.20 20.36
C LEU A 4 9.22 8.13 19.25
N ARG A 5 9.54 7.81 18.02
CA ARG A 5 9.10 8.64 16.86
C ARG A 5 8.25 7.77 15.93
N LYS A 6 7.74 8.33 14.85
CA LYS A 6 6.89 7.54 13.89
C LYS A 6 7.62 6.27 13.47
N GLY A 7 6.96 5.44 12.68
CA GLY A 7 7.57 4.16 12.23
C GLY A 7 6.90 2.99 12.96
N ARG A 8 5.66 3.17 13.38
CA ARG A 8 4.93 2.08 14.10
C ARG A 8 4.77 0.87 13.19
N MET A 9 4.28 -0.23 13.72
CA MET A 9 4.08 -1.46 12.90
C MET A 9 3.16 -1.16 11.72
N MET A 10 3.60 -1.46 10.53
CA MET A 10 2.76 -1.22 9.31
C MET A 10 2.44 -2.60 8.69
N ASP A 11 2.25 -2.69 7.38
CA ASP A 11 1.95 -4.01 6.74
C ASP A 11 3.20 -4.88 6.83
N VAL A 12 3.36 -5.57 7.94
CA VAL A 12 4.56 -6.44 8.15
C VAL A 12 4.17 -7.89 7.90
N LYS A 13 3.02 -8.30 8.42
CA LYS A 13 2.55 -9.72 8.22
C LYS A 13 1.88 -9.86 6.84
N LYS A 14 1.69 -8.78 6.11
CA LYS A 14 1.04 -8.85 4.77
C LYS A 14 2.03 -9.40 3.75
N CYS A 15 1.54 -9.80 2.60
CA CYS A 15 2.43 -10.35 1.53
C CYS A 15 3.38 -9.27 1.04
N GLY A 16 2.94 -8.03 1.03
CA GLY A 16 3.80 -6.91 0.54
C GLY A 16 3.50 -6.69 -0.93
N ILE A 17 2.32 -6.21 -1.22
CA ILE A 17 1.89 -5.95 -2.64
C ILE A 17 2.90 -5.01 -3.29
N GLN A 18 3.22 -5.26 -4.55
CA GLN A 18 4.20 -4.39 -5.27
C GLN A 18 3.50 -3.69 -6.42
N ASP A 19 3.52 -2.37 -6.42
CA ASP A 19 2.86 -1.59 -7.51
C ASP A 19 3.82 -1.47 -8.71
N THR A 20 4.37 -2.59 -9.13
CA THR A 20 5.32 -2.58 -10.29
C THR A 20 4.58 -2.12 -11.54
N ASN A 21 3.36 -2.57 -11.73
CA ASN A 21 2.56 -2.17 -12.92
C ASN A 21 1.26 -1.53 -12.46
N SER A 22 0.42 -2.27 -11.76
CA SER A 22 -0.88 -1.73 -11.26
C SER A 22 -1.75 -1.31 -12.44
N LYS A 23 -2.80 -2.07 -12.71
CA LYS A 23 -3.72 -1.73 -13.85
C LYS A 23 -5.13 -2.22 -13.50
N LYS A 24 -6.05 -1.30 -13.33
CA LYS A 24 -7.46 -1.69 -12.99
C LYS A 24 -8.42 -0.79 -13.75
N GLN A 25 -9.66 -1.18 -13.86
CA GLN A 25 -10.68 -0.36 -14.59
C GLN A 25 -11.88 -0.12 -13.68
N SER A 26 -12.41 1.09 -13.68
CA SER A 26 -13.60 1.42 -12.82
C SER A 26 -14.63 2.17 -13.66
N ASP A 27 -15.77 2.45 -13.08
CA ASP A 27 -16.85 3.18 -13.82
C ASP A 27 -16.48 4.66 -13.92
N THR A 28 -16.24 5.31 -12.81
CA THR A 28 -15.87 6.76 -12.83
C THR A 28 -14.50 6.93 -13.47
N HIS A 29 -14.12 8.14 -13.77
CA HIS A 29 -12.79 8.40 -14.41
C HIS A 29 -11.69 7.92 -13.47
N LEU A 30 -10.52 7.63 -14.01
CA LEU A 30 -9.39 7.15 -13.17
C LEU A 30 -8.33 8.25 -13.09
N GLU A 31 -7.30 8.04 -12.29
CA GLU A 31 -6.21 9.06 -12.14
C GLU A 31 -4.88 8.44 -12.57
N GLU A 32 -4.21 9.05 -13.50
CA GLU A 32 -2.90 8.52 -13.98
C GLU A 32 -1.76 9.21 -13.23
N THR A 33 -0.94 8.45 -12.53
CA THR A 33 0.18 9.04 -11.76
C THR A 33 1.46 8.25 -12.06
#